data_4U7T
#
_entry.id   4U7T
#
_cell.length_a   183.823
_cell.length_b   183.823
_cell.length_c   123.265
_cell.angle_alpha   90.000
_cell.angle_beta   90.000
_cell.angle_gamma   120.000
#
_symmetry.space_group_name_H-M   'P 65'
#
loop_
_entity.id
_entity.type
_entity.pdbx_description
1 polymer 'DNA (cytosine-5)-methyltransferase 3A'
2 polymer 'DNA (cytosine-5)-methyltransferase 3-like'
3 polymer 'peptide from Histone H3.3'
4 non-polymer 'ZINC ION'
5 non-polymer S-ADENOSYL-L-HOMOCYSTEINE
6 water water
#
loop_
_entity_poly.entity_id
_entity_poly.type
_entity_poly.pdbx_seq_one_letter_code
_entity_poly.pdbx_strand_id
1 'polypeptide(L)'
;GPLGSPEFRERLVYEVRQKCRNIEDICISCGSLNVTLEHPLFVGGMCQNCKNCFLECAYQYDDDGYQSYCTICCGGREVL
MCGNNNCCRCFCVECVDLLVGPGAAQAAIKEDPWNCYMCGHKGTYGLLRRREDWPSRLQMFFANNHDQEFDPPKVYPPVP
AEKRKPIRVLSLFDGIATGLLVLKDLGIQVDRYIASEVCEDSITVGMVRHQGKIMYVGDVRSVTQKHIQEWGPFDLVIGG
SPCNDLSIVNPARKGLYEGTGRLFFEFYRLLHDARPKEGDDRPFFWLFENVVAMGVSDKRDISRFLESNPVMIDAKEVSA
AHRARYFWGNLPGMNRPLASTVNDKLELQECLEHGRIAKFSKVRTITTRSNSIKQGKDQHFPVFMNEKEDILWCTEMERV
FGFPVHYTDVSNMSRLARQRLLGRSWSVPVIRHLFAPLKEYFACV
;
A,C
2 'polypeptide(L)'
;GPLGSEFMFETVPVWRRQPVRVLSLFEDIKKELTSLGFLESGSDPGQLKHVVDVTDTVRKDVEEWGPFDLVYGATPPLGH
TCDRPPSWYLFQFHRLLQYARPKPGSPRPFFWMFVDNLVLNKEDLDVASRFLEMEPVTIPDVHGGSLQNAVRVWSNIPAI
RSRHWALVSEEELSLLAQNKQSSKLAAKWPTKLVKNCFLPLREYFKYFS
;
B,D
3 'polypeptide(L)' ARTKQTARKSTG F,G
#
loop_
_chem_comp.id
_chem_comp.type
_chem_comp.name
_chem_comp.formula
ZN non-polymer 'ZINC ION' 'Zn 2'
#
# COMPACT_ATOMS: atom_id res chain seq x y z
N GLU A 7 -39.77 -18.18 -10.24
CA GLU A 7 -40.03 -19.60 -9.96
C GLU A 7 -41.16 -20.17 -10.81
N PHE A 8 -40.88 -20.35 -12.10
CA PHE A 8 -41.94 -20.59 -13.10
C PHE A 8 -41.99 -22.03 -13.61
N ARG A 9 -41.06 -22.88 -13.16
CA ARG A 9 -40.91 -24.21 -13.77
C ARG A 9 -41.40 -25.35 -12.89
N GLU A 10 -41.80 -25.05 -11.66
CA GLU A 10 -42.14 -26.10 -10.69
C GLU A 10 -43.29 -26.96 -11.21
N ARG A 11 -44.24 -26.32 -11.87
CA ARG A 11 -45.43 -27.01 -12.38
C ARG A 11 -45.09 -27.77 -13.66
N LEU A 12 -44.12 -27.27 -14.41
CA LEU A 12 -43.71 -27.87 -15.68
C LEU A 12 -42.95 -29.17 -15.46
N VAL A 13 -42.12 -29.18 -14.41
CA VAL A 13 -41.31 -30.34 -14.12
C VAL A 13 -42.16 -31.51 -13.64
N TYR A 14 -43.24 -31.21 -12.90
CA TYR A 14 -44.19 -32.25 -12.53
C TYR A 14 -44.65 -33.00 -13.78
N GLU A 15 -45.03 -32.25 -14.82
CA GLU A 15 -45.49 -32.85 -16.07
C GLU A 15 -44.33 -33.49 -16.82
N VAL A 16 -43.11 -33.05 -16.52
CA VAL A 16 -41.94 -33.67 -17.12
C VAL A 16 -41.71 -35.07 -16.56
N ARG A 17 -41.87 -35.22 -15.25
CA ARG A 17 -41.67 -36.50 -14.59
C ARG A 17 -42.90 -37.40 -14.71
N GLN A 18 -44.06 -36.78 -14.98
CA GLN A 18 -45.28 -37.55 -15.23
C GLN A 18 -45.29 -38.15 -16.63
N LYS A 19 -44.16 -38.03 -17.33
CA LYS A 19 -44.01 -38.51 -18.69
C LYS A 19 -45.07 -37.90 -19.64
N CYS A 20 -45.42 -36.64 -19.38
CA CYS A 20 -46.35 -35.86 -20.21
C CYS A 20 -45.68 -34.74 -21.01
N ARG A 21 -44.45 -34.41 -20.62
CA ARG A 21 -43.62 -33.41 -21.31
C ARG A 21 -42.18 -33.90 -21.41
N ASN A 22 -41.56 -33.70 -22.58
CA ASN A 22 -40.14 -34.01 -22.76
C ASN A 22 -39.23 -33.01 -22.04
N ILE A 23 -38.27 -33.49 -21.27
CA ILE A 23 -37.33 -32.60 -20.59
C ILE A 23 -36.56 -31.80 -21.64
N GLU A 24 -36.38 -32.42 -22.80
CA GLU A 24 -35.66 -31.83 -23.91
C GLU A 24 -36.50 -30.76 -24.60
N ASP A 25 -37.78 -30.68 -24.22
CA ASP A 25 -38.74 -29.73 -24.79
C ASP A 25 -38.96 -28.51 -23.90
N ILE A 26 -38.23 -28.43 -22.80
CA ILE A 26 -38.35 -27.30 -21.89
C ILE A 26 -36.98 -26.63 -21.64
N CYS A 27 -36.99 -25.33 -21.36
CA CYS A 27 -35.75 -24.66 -20.99
C CYS A 27 -35.48 -24.90 -19.51
N ILE A 28 -34.56 -25.81 -19.22
CA ILE A 28 -34.32 -26.24 -17.85
C ILE A 28 -33.67 -25.17 -16.97
N SER A 29 -33.31 -24.04 -17.59
CA SER A 29 -32.79 -22.89 -16.86
C SER A 29 -33.90 -22.02 -16.28
N CYS A 30 -34.85 -21.59 -17.10
CA CYS A 30 -35.90 -20.67 -16.64
C CYS A 30 -37.32 -21.20 -16.88
N GLY A 31 -37.43 -22.34 -17.53
CA GLY A 31 -38.74 -22.92 -17.79
C GLY A 31 -39.48 -22.21 -18.90
N SER A 32 -38.74 -21.53 -19.77
CA SER A 32 -39.33 -20.95 -20.96
C SER A 32 -39.70 -22.06 -21.92
N LEU A 33 -40.73 -21.85 -22.73
CA LEU A 33 -41.14 -22.85 -23.72
C LEU A 33 -40.48 -22.53 -25.07
N ASN A 34 -39.87 -21.34 -25.15
CA ASN A 34 -39.18 -20.86 -26.34
C ASN A 34 -37.83 -21.57 -26.59
N VAL A 35 -37.87 -22.90 -26.55
CA VAL A 35 -36.67 -23.70 -26.71
C VAL A 35 -36.09 -23.56 -28.11
N THR A 36 -34.81 -23.20 -28.17
CA THR A 36 -34.10 -23.03 -29.43
C THR A 36 -32.90 -23.93 -29.48
N LEU A 37 -32.06 -23.80 -28.44
CA LEU A 37 -30.87 -24.62 -28.28
C LEU A 37 -31.11 -25.75 -27.31
N GLU A 38 -30.15 -26.68 -27.25
CA GLU A 38 -30.08 -27.65 -26.17
C GLU A 38 -29.09 -27.14 -25.15
N HIS A 39 -29.34 -27.40 -23.87
CA HIS A 39 -28.40 -27.04 -22.82
C HIS A 39 -27.13 -27.85 -23.05
N PRO A 40 -25.96 -27.17 -23.10
CA PRO A 40 -24.72 -27.88 -23.45
C PRO A 40 -24.27 -28.88 -22.40
N LEU A 41 -24.56 -28.62 -21.13
CA LEU A 41 -24.06 -29.46 -20.06
C LEU A 41 -25.06 -30.54 -19.68
N PHE A 42 -26.34 -30.25 -19.76
CA PHE A 42 -27.34 -31.20 -19.32
C PHE A 42 -28.52 -31.39 -20.27
N VAL A 43 -29.37 -32.34 -19.92
CA VAL A 43 -30.50 -32.71 -20.73
C VAL A 43 -31.66 -31.73 -20.59
N GLY A 44 -32.02 -31.12 -21.70
CA GLY A 44 -33.09 -30.16 -21.69
C GLY A 44 -32.88 -29.17 -22.78
N GLY A 45 -33.85 -28.27 -22.93
CA GLY A 45 -33.74 -27.25 -23.93
C GLY A 45 -33.20 -26.02 -23.26
N MET A 46 -32.94 -24.99 -24.05
CA MET A 46 -32.49 -23.73 -23.54
C MET A 46 -33.08 -22.62 -24.40
N CYS A 47 -33.62 -21.59 -23.75
CA CYS A 47 -34.10 -20.43 -24.48
C CYS A 47 -32.93 -19.50 -24.78
N GLN A 48 -33.12 -18.57 -25.71
CA GLN A 48 -32.03 -17.67 -26.12
C GLN A 48 -31.56 -16.75 -25.01
N ASN A 49 -32.49 -16.16 -24.26
CA ASN A 49 -32.12 -15.25 -23.18
C ASN A 49 -31.21 -15.89 -22.16
N CYS A 50 -31.52 -17.13 -21.81
CA CYS A 50 -30.67 -17.90 -20.90
C CYS A 50 -29.31 -18.16 -21.52
N LYS A 51 -29.24 -18.42 -22.82
CA LYS A 51 -27.93 -18.56 -23.47
C LYS A 51 -27.12 -17.27 -23.33
N ASN A 52 -27.78 -16.12 -23.45
CA ASN A 52 -27.07 -14.85 -23.34
C ASN A 52 -26.49 -14.73 -21.93
N CYS A 53 -27.36 -15.01 -20.98
CA CYS A 53 -26.98 -15.04 -19.59
C CYS A 53 -25.78 -15.98 -19.36
N PHE A 54 -25.84 -17.19 -19.93
CA PHE A 54 -24.85 -18.24 -19.79
C PHE A 54 -23.52 -17.75 -20.30
N LEU A 55 -23.56 -17.01 -21.41
CA LEU A 55 -22.37 -16.36 -21.95
C LEU A 55 -21.74 -15.38 -20.96
N GLU A 56 -22.51 -14.42 -20.44
CA GLU A 56 -21.97 -13.49 -19.42
C GLU A 56 -21.50 -14.13 -18.11
N CYS A 57 -22.21 -15.15 -17.65
CA CYS A 57 -22.16 -15.61 -16.25
C CYS A 57 -21.38 -16.88 -15.94
N ALA A 58 -21.39 -17.85 -16.85
CA ALA A 58 -20.83 -19.17 -16.58
C ALA A 58 -19.45 -19.06 -15.95
N TYR A 59 -18.55 -18.35 -16.63
CA TYR A 59 -17.17 -18.22 -16.18
C TYR A 59 -16.93 -17.00 -15.28
N GLN A 60 -17.91 -16.66 -14.47
CA GLN A 60 -17.69 -15.67 -13.42
C GLN A 60 -17.45 -16.35 -12.10
N TYR A 61 -16.33 -16.03 -11.47
CA TYR A 61 -15.95 -16.67 -10.21
C TYR A 61 -15.77 -15.61 -9.15
N ASP A 62 -16.13 -15.97 -7.93
CA ASP A 62 -15.95 -15.08 -6.78
C ASP A 62 -14.55 -15.21 -6.21
N ASP A 63 -14.32 -14.47 -5.13
CA ASP A 63 -13.01 -14.42 -4.48
C ASP A 63 -12.71 -15.73 -3.72
N ASP A 64 -13.71 -16.56 -3.54
CA ASP A 64 -13.49 -17.84 -2.91
C ASP A 64 -12.99 -18.85 -3.92
N GLY A 65 -12.94 -18.44 -5.19
CA GLY A 65 -12.51 -19.31 -6.26
C GLY A 65 -13.61 -20.25 -6.77
N TYR A 66 -14.80 -20.08 -6.24
CA TYR A 66 -15.97 -20.80 -6.73
C TYR A 66 -16.78 -19.90 -7.66
N GLN A 67 -17.61 -20.54 -8.50
CA GLN A 67 -18.46 -19.83 -9.44
C GLN A 67 -19.32 -18.81 -8.72
N SER A 68 -19.60 -17.69 -9.37
CA SER A 68 -20.40 -16.64 -8.75
C SER A 68 -21.87 -17.03 -8.72
N TYR A 69 -22.29 -17.83 -9.71
CA TYR A 69 -23.69 -18.24 -9.87
C TYR A 69 -23.83 -19.72 -10.25
N CYS A 70 -25.07 -20.20 -10.23
CA CYS A 70 -25.38 -21.62 -10.45
C CYS A 70 -24.89 -22.15 -11.81
N THR A 71 -24.41 -23.39 -11.86
CA THR A 71 -23.87 -23.94 -13.10
C THR A 71 -24.97 -24.21 -14.13
N ILE A 72 -26.17 -24.50 -13.65
CA ILE A 72 -27.32 -24.80 -14.50
C ILE A 72 -27.96 -23.51 -15.07
N CYS A 73 -28.62 -22.78 -14.19
CA CYS A 73 -29.46 -21.66 -14.55
C CYS A 73 -28.70 -20.34 -14.68
N CYS A 74 -27.41 -20.35 -14.35
CA CYS A 74 -26.58 -19.14 -14.31
C CYS A 74 -27.21 -18.03 -13.46
N GLY A 75 -28.11 -18.42 -12.57
CA GLY A 75 -28.65 -17.55 -11.53
C GLY A 75 -28.65 -18.24 -10.17
N GLY A 76 -29.78 -18.21 -9.47
CA GLY A 76 -29.89 -18.91 -8.19
C GLY A 76 -29.58 -18.00 -7.01
N ARG A 77 -30.31 -18.15 -5.91
CA ARG A 77 -30.16 -17.25 -4.76
C ARG A 77 -29.23 -17.82 -3.68
N GLU A 78 -29.29 -19.14 -3.45
CA GLU A 78 -28.34 -19.79 -2.55
C GLU A 78 -27.76 -21.05 -3.18
N VAL A 79 -26.43 -21.13 -3.24
CA VAL A 79 -25.81 -22.27 -3.92
C VAL A 79 -25.06 -23.20 -3.00
N LEU A 80 -24.84 -24.41 -3.50
CA LEU A 80 -23.99 -25.42 -2.88
C LEU A 80 -22.68 -25.49 -3.65
N MET A 81 -21.56 -25.25 -2.97
CA MET A 81 -20.24 -25.32 -3.59
C MET A 81 -19.77 -26.76 -3.72
N CYS A 82 -18.75 -27.01 -4.55
CA CYS A 82 -18.40 -28.39 -4.81
C CYS A 82 -17.14 -28.80 -4.06
N GLY A 83 -17.21 -29.96 -3.41
CA GLY A 83 -16.14 -30.41 -2.54
C GLY A 83 -14.93 -30.92 -3.27
N ASN A 84 -15.16 -31.61 -4.39
CA ASN A 84 -14.06 -32.22 -5.14
C ASN A 84 -12.97 -31.20 -5.47
N ASN A 85 -11.75 -31.70 -5.49
CA ASN A 85 -10.58 -30.88 -5.68
C ASN A 85 -10.50 -30.23 -7.05
N ASN A 86 -10.12 -28.96 -7.07
CA ASN A 86 -9.89 -28.19 -8.30
C ASN A 86 -11.19 -27.83 -9.05
N CYS A 87 -12.31 -28.42 -8.62
CA CYS A 87 -13.62 -28.10 -9.20
C CYS A 87 -14.21 -26.86 -8.55
N CYS A 88 -14.83 -25.99 -9.35
CA CYS A 88 -15.30 -24.69 -8.85
C CYS A 88 -16.78 -24.42 -9.00
N ARG A 89 -17.54 -25.45 -9.34
CA ARG A 89 -18.93 -25.23 -9.71
C ARG A 89 -19.86 -24.98 -8.51
N CYS A 90 -21.03 -24.42 -8.78
CA CYS A 90 -22.03 -24.25 -7.74
C CYS A 90 -23.36 -24.71 -8.26
N PHE A 91 -24.25 -25.15 -7.37
CA PHE A 91 -25.62 -25.44 -7.79
C PHE A 91 -26.59 -24.83 -6.79
N CYS A 92 -27.44 -23.91 -7.24
CA CYS A 92 -28.41 -23.29 -6.34
C CYS A 92 -29.36 -24.37 -5.80
N VAL A 93 -29.77 -24.23 -4.55
CA VAL A 93 -30.65 -25.18 -3.91
C VAL A 93 -31.88 -25.47 -4.78
N GLU A 94 -32.39 -24.41 -5.40
CA GLU A 94 -33.61 -24.44 -6.21
C GLU A 94 -33.54 -25.36 -7.43
N CYS A 95 -32.47 -25.27 -8.20
CA CYS A 95 -32.27 -26.15 -9.36
C CYS A 95 -32.36 -27.61 -8.91
N VAL A 96 -31.65 -27.88 -7.82
CA VAL A 96 -31.51 -29.22 -7.28
C VAL A 96 -32.85 -29.76 -6.79
N ASP A 97 -33.61 -28.88 -6.14
CA ASP A 97 -34.91 -29.22 -5.56
C ASP A 97 -35.98 -29.42 -6.64
N LEU A 98 -35.55 -29.48 -7.90
CA LEU A 98 -36.42 -29.82 -9.01
C LEU A 98 -35.89 -30.99 -9.81
N LEU A 99 -34.76 -30.77 -10.48
CA LEU A 99 -34.27 -31.70 -11.51
C LEU A 99 -33.72 -33.03 -10.97
N VAL A 100 -33.14 -32.98 -9.76
CA VAL A 100 -32.60 -34.15 -9.09
C VAL A 100 -33.70 -34.86 -8.33
N GLY A 101 -34.36 -34.10 -7.45
CA GLY A 101 -35.43 -34.58 -6.60
C GLY A 101 -35.67 -33.54 -5.52
N PRO A 102 -36.81 -33.64 -4.81
CA PRO A 102 -37.08 -32.68 -3.72
C PRO A 102 -36.25 -33.00 -2.47
N GLY A 103 -35.76 -31.97 -1.80
CA GLY A 103 -34.97 -32.13 -0.59
C GLY A 103 -33.59 -32.72 -0.83
N ALA A 104 -33.25 -33.01 -2.09
CA ALA A 104 -31.93 -33.53 -2.43
C ALA A 104 -30.85 -32.50 -2.12
N ALA A 105 -31.23 -31.22 -2.28
CA ALA A 105 -30.31 -30.12 -2.05
C ALA A 105 -29.86 -30.02 -0.61
N GLN A 106 -30.80 -29.92 0.33
CA GLN A 106 -30.43 -29.82 1.74
C GLN A 106 -29.71 -31.09 2.20
N ALA A 107 -30.02 -32.21 1.56
CA ALA A 107 -29.35 -33.47 1.85
C ALA A 107 -27.89 -33.39 1.40
N ALA A 108 -27.64 -32.68 0.31
CA ALA A 108 -26.27 -32.45 -0.15
C ALA A 108 -25.59 -31.43 0.76
N ILE A 109 -26.37 -30.49 1.28
CA ILE A 109 -25.87 -29.49 2.22
C ILE A 109 -25.31 -30.22 3.42
N LYS A 110 -26.04 -31.25 3.84
CA LYS A 110 -25.73 -31.99 5.05
C LYS A 110 -24.67 -33.05 4.80
N GLU A 111 -24.37 -33.33 3.54
CA GLU A 111 -23.39 -34.35 3.19
C GLU A 111 -21.97 -33.78 3.17
N ASP A 112 -21.22 -33.93 4.26
CA ASP A 112 -19.97 -33.15 4.45
C ASP A 112 -18.94 -33.35 3.33
N PRO A 113 -18.61 -34.60 2.96
CA PRO A 113 -17.84 -34.68 1.71
C PRO A 113 -18.76 -34.82 0.47
N TRP A 114 -19.09 -33.70 -0.19
CA TRP A 114 -20.03 -33.73 -1.32
C TRP A 114 -19.44 -33.50 -2.72
N ASN A 115 -19.95 -34.25 -3.69
CA ASN A 115 -19.55 -34.13 -5.09
C ASN A 115 -20.64 -33.56 -6.00
N CYS A 116 -20.27 -32.59 -6.86
CA CYS A 116 -21.22 -32.01 -7.81
C CYS A 116 -21.43 -32.95 -8.99
N TYR A 117 -22.52 -32.69 -9.73
CA TYR A 117 -23.01 -33.62 -10.74
C TYR A 117 -22.16 -33.63 -12.02
N MET A 118 -21.36 -32.60 -12.19
CA MET A 118 -20.37 -32.63 -13.25
C MET A 118 -19.23 -33.56 -12.86
N CYS A 119 -19.21 -33.94 -11.58
CA CYS A 119 -18.10 -34.70 -11.03
C CYS A 119 -18.49 -36.14 -10.68
N GLY A 120 -19.61 -36.30 -10.00
CA GLY A 120 -20.09 -37.60 -9.53
C GLY A 120 -19.95 -38.75 -10.51
N HIS A 121 -19.62 -39.93 -9.98
CA HIS A 121 -19.21 -41.10 -10.76
C HIS A 121 -20.15 -41.39 -11.95
N LYS A 122 -21.45 -41.45 -11.66
CA LYS A 122 -22.47 -41.77 -12.65
C LYS A 122 -22.87 -40.52 -13.41
N GLY A 123 -23.52 -40.66 -14.57
CA GLY A 123 -23.92 -39.48 -15.33
C GLY A 123 -25.38 -39.09 -15.21
N THR A 124 -26.20 -39.99 -14.70
CA THR A 124 -27.63 -39.73 -14.42
C THR A 124 -27.84 -39.37 -12.94
N TYR A 125 -28.61 -38.34 -12.66
CA TYR A 125 -28.86 -37.95 -11.26
C TYR A 125 -30.26 -37.40 -10.97
N GLY A 126 -31.30 -38.16 -11.31
CA GLY A 126 -32.66 -37.64 -11.21
C GLY A 126 -33.20 -37.40 -12.60
N LEU A 127 -33.94 -36.31 -12.81
CA LEU A 127 -34.35 -35.98 -14.17
C LEU A 127 -33.19 -35.31 -14.86
N LEU A 128 -32.19 -34.99 -14.06
CA LEU A 128 -30.98 -34.35 -14.53
C LEU A 128 -29.89 -35.35 -14.89
N ARG A 129 -29.44 -35.33 -16.13
CA ARG A 129 -28.37 -36.22 -16.54
C ARG A 129 -27.38 -35.49 -17.45
N ARG A 130 -26.09 -35.76 -17.22
CA ARG A 130 -24.99 -35.06 -17.90
C ARG A 130 -24.77 -35.54 -19.35
N ARG A 131 -24.56 -34.59 -20.24
CA ARG A 131 -24.36 -34.91 -21.65
C ARG A 131 -22.94 -35.38 -21.92
N GLU A 132 -22.79 -36.39 -22.77
CA GLU A 132 -21.46 -36.97 -23.01
C GLU A 132 -20.60 -36.11 -23.95
N ASP A 133 -21.20 -35.43 -24.90
CA ASP A 133 -20.40 -34.65 -25.85
C ASP A 133 -20.25 -33.20 -25.42
N TRP A 134 -20.56 -32.95 -24.14
CA TRP A 134 -20.66 -31.59 -23.61
C TRP A 134 -19.44 -30.69 -23.79
N PRO A 135 -18.23 -31.25 -23.82
CA PRO A 135 -17.13 -30.34 -24.13
C PRO A 135 -17.27 -29.65 -25.49
N SER A 136 -17.71 -30.41 -26.49
CA SER A 136 -17.85 -29.90 -27.86
C SER A 136 -19.00 -28.89 -27.99
N ARG A 137 -20.07 -29.17 -27.26
CA ARG A 137 -21.26 -28.33 -27.22
C ARG A 137 -20.94 -27.04 -26.48
N LEU A 138 -20.10 -27.18 -25.46
CA LEU A 138 -19.60 -26.06 -24.70
C LEU A 138 -18.78 -25.19 -25.64
N GLN A 139 -17.92 -25.86 -26.39
CA GLN A 139 -17.06 -25.20 -27.36
C GLN A 139 -17.84 -24.37 -28.35
N MET A 140 -18.82 -25.00 -28.98
CA MET A 140 -19.60 -24.35 -30.02
C MET A 140 -20.45 -23.23 -29.44
N PHE A 141 -20.97 -23.45 -28.23
CA PHE A 141 -21.76 -22.46 -27.51
C PHE A 141 -21.04 -21.12 -27.47
N PHE A 142 -19.76 -21.19 -27.15
CA PHE A 142 -18.91 -20.01 -27.17
C PHE A 142 -18.24 -19.90 -28.54
N ALA A 143 -18.82 -19.06 -29.38
CA ALA A 143 -18.33 -18.87 -30.75
C ALA A 143 -18.67 -17.46 -31.25
N LYS A 154 -8.44 -26.07 -33.99
CA LYS A 154 -8.12 -27.06 -32.96
C LYS A 154 -8.61 -26.63 -31.59
N VAL A 155 -9.54 -27.39 -31.03
CA VAL A 155 -10.14 -27.04 -29.75
C VAL A 155 -10.05 -28.17 -28.72
N TYR A 156 -9.63 -27.80 -27.51
CA TYR A 156 -9.36 -28.74 -26.43
C TYR A 156 -10.56 -28.95 -25.51
N PRO A 157 -10.83 -30.21 -25.17
CA PRO A 157 -11.92 -30.48 -24.23
C PRO A 157 -11.51 -30.16 -22.79
N PRO A 158 -12.45 -29.65 -21.98
CA PRO A 158 -12.18 -29.42 -20.55
C PRO A 158 -11.75 -30.69 -19.83
N VAL A 159 -10.64 -30.57 -19.08
CA VAL A 159 -10.04 -31.68 -18.33
C VAL A 159 -10.78 -31.93 -17.00
N PRO A 160 -11.07 -33.21 -16.69
CA PRO A 160 -11.80 -33.59 -15.46
C PRO A 160 -11.14 -33.03 -14.20
N ALA A 161 -11.92 -32.72 -13.19
CA ALA A 161 -11.41 -31.90 -12.08
C ALA A 161 -10.20 -32.52 -11.37
N GLU A 162 -10.25 -33.84 -11.16
CA GLU A 162 -9.19 -34.56 -10.44
C GLU A 162 -7.87 -34.58 -11.19
N LYS A 163 -7.96 -34.47 -12.52
CA LYS A 163 -6.80 -34.62 -13.39
C LYS A 163 -5.98 -33.33 -13.55
N ARG A 164 -6.61 -32.19 -13.24
CA ARG A 164 -6.02 -30.85 -13.43
C ARG A 164 -4.70 -30.63 -12.68
N LYS A 165 -3.80 -29.84 -13.26
CA LYS A 165 -2.50 -29.57 -12.65
C LYS A 165 -2.22 -28.07 -12.71
N PRO A 166 -1.20 -27.59 -11.98
CA PRO A 166 -0.79 -26.19 -12.06
C PRO A 166 -0.37 -25.76 -13.46
N ILE A 167 -0.71 -24.53 -13.81
CA ILE A 167 -0.48 -24.01 -15.13
C ILE A 167 1.00 -23.65 -15.29
N ARG A 168 1.53 -23.82 -16.50
CA ARG A 168 2.91 -23.37 -16.79
C ARG A 168 2.86 -22.19 -17.75
N VAL A 169 3.54 -21.09 -17.40
CA VAL A 169 3.37 -19.85 -18.16
C VAL A 169 4.62 -19.18 -18.72
N LEU A 170 4.57 -18.90 -20.01
CA LEU A 170 5.58 -18.08 -20.65
C LEU A 170 4.92 -16.73 -20.88
N SER A 171 5.58 -15.67 -20.41
CA SER A 171 5.00 -14.34 -20.47
C SER A 171 6.02 -13.40 -21.04
N LEU A 172 5.82 -12.97 -22.29
CA LEU A 172 6.81 -12.13 -22.95
C LEU A 172 6.39 -10.68 -22.86
N PHE A 173 7.38 -9.79 -22.77
CA PHE A 173 7.12 -8.38 -22.49
C PHE A 173 6.19 -8.27 -21.29
N ASP A 174 6.62 -8.85 -20.16
CA ASP A 174 5.71 -9.14 -19.02
C ASP A 174 5.21 -7.89 -18.32
N GLY A 175 5.97 -6.81 -18.46
CA GLY A 175 5.65 -5.54 -17.81
C GLY A 175 5.65 -5.66 -16.29
N ILE A 176 4.57 -5.29 -15.65
CA ILE A 176 4.53 -5.30 -14.21
C ILE A 176 3.78 -6.53 -13.72
N ALA A 177 3.89 -7.60 -14.49
CA ALA A 177 3.44 -8.94 -14.10
C ALA A 177 1.94 -9.08 -13.87
N THR A 178 1.17 -8.33 -14.68
CA THR A 178 -0.30 -8.37 -14.62
C THR A 178 -0.82 -9.79 -14.76
N GLY A 179 -0.11 -10.56 -15.59
CA GLY A 179 -0.55 -11.89 -15.94
C GLY A 179 -0.67 -12.68 -14.67
N LEU A 180 0.44 -12.73 -13.94
CA LEU A 180 0.57 -13.52 -12.73
C LEU A 180 -0.44 -13.08 -11.69
N LEU A 181 -0.53 -11.76 -11.52
CA LEU A 181 -1.50 -11.19 -10.59
C LEU A 181 -2.91 -11.73 -10.86
N VAL A 182 -3.36 -11.67 -12.10
CA VAL A 182 -4.71 -12.11 -12.42
C VAL A 182 -4.86 -13.62 -12.16
N LEU A 183 -3.83 -14.38 -12.53
CA LEU A 183 -3.89 -15.83 -12.31
C LEU A 183 -4.01 -16.14 -10.81
N LYS A 184 -3.26 -15.40 -10.00
CA LYS A 184 -3.42 -15.51 -8.56
C LYS A 184 -4.87 -15.18 -8.16
N ASP A 185 -5.36 -13.96 -8.48
CA ASP A 185 -6.75 -13.56 -8.17
C ASP A 185 -7.81 -14.59 -8.54
N LEU A 186 -7.55 -15.39 -9.58
CA LEU A 186 -8.51 -16.38 -10.00
C LEU A 186 -8.28 -17.68 -9.25
N GLY A 187 -7.16 -17.73 -8.53
CA GLY A 187 -6.87 -18.88 -7.69
C GLY A 187 -6.46 -20.07 -8.52
N ILE A 188 -5.77 -19.79 -9.62
CA ILE A 188 -5.20 -20.82 -10.46
C ILE A 188 -3.80 -21.10 -9.96
N GLN A 189 -3.53 -22.37 -9.68
CA GLN A 189 -2.22 -22.75 -9.20
C GLN A 189 -1.19 -22.55 -10.30
N VAL A 190 -0.11 -21.85 -10.02
CA VAL A 190 0.90 -21.59 -11.04
C VAL A 190 2.22 -22.36 -10.79
N ASP A 191 2.46 -23.43 -11.56
CA ASP A 191 3.70 -24.20 -11.45
C ASP A 191 4.94 -23.33 -11.66
N ARG A 192 4.94 -22.51 -12.70
CA ARG A 192 6.08 -21.67 -13.02
C ARG A 192 5.63 -20.51 -13.87
N TYR A 193 6.41 -19.44 -13.88
CA TYR A 193 6.04 -18.24 -14.62
C TYR A 193 7.31 -17.56 -15.15
N ILE A 194 7.74 -17.99 -16.33
CA ILE A 194 8.95 -17.43 -16.90
C ILE A 194 8.52 -16.17 -17.60
N ALA A 195 9.29 -15.10 -17.49
CA ALA A 195 8.86 -13.84 -18.05
C ALA A 195 10.00 -13.09 -18.69
N SER A 196 9.83 -12.64 -19.93
CA SER A 196 10.87 -11.82 -20.55
C SER A 196 10.60 -10.34 -20.29
N GLU A 197 11.64 -9.58 -19.92
CA GLU A 197 11.51 -8.13 -19.69
C GLU A 197 12.88 -7.46 -19.73
N VAL A 198 12.92 -6.15 -19.96
CA VAL A 198 14.19 -5.45 -20.08
C VAL A 198 14.24 -4.17 -19.24
N CYS A 199 13.08 -3.77 -18.75
CA CYS A 199 12.96 -2.54 -17.97
C CYS A 199 13.16 -2.84 -16.50
N GLU A 200 14.17 -2.21 -15.90
CA GLU A 200 14.52 -2.57 -14.52
C GLU A 200 13.37 -2.32 -13.54
N ASP A 201 12.68 -1.17 -13.70
CA ASP A 201 11.57 -0.82 -12.81
C ASP A 201 10.47 -1.90 -12.82
N SER A 202 10.12 -2.36 -14.01
CA SER A 202 9.07 -3.36 -14.13
C SER A 202 9.52 -4.70 -13.54
N ILE A 203 10.78 -5.07 -13.79
CA ILE A 203 11.28 -6.33 -13.24
C ILE A 203 11.11 -6.31 -11.75
N THR A 204 11.58 -5.19 -11.20
CA THR A 204 11.49 -4.92 -9.77
C THR A 204 10.08 -5.11 -9.21
N VAL A 205 9.12 -4.40 -9.83
CA VAL A 205 7.72 -4.53 -9.41
C VAL A 205 7.37 -6.00 -9.33
N GLY A 206 7.76 -6.76 -10.35
CA GLY A 206 7.35 -8.15 -10.41
C GLY A 206 7.94 -8.98 -9.30
N MET A 207 9.26 -8.88 -9.15
CA MET A 207 10.03 -9.50 -8.07
C MET A 207 9.39 -9.30 -6.70
N VAL A 208 9.20 -8.03 -6.37
CA VAL A 208 8.65 -7.67 -5.07
C VAL A 208 7.24 -8.23 -4.92
N ARG A 209 6.37 -7.91 -5.88
CA ARG A 209 4.97 -8.23 -5.77
C ARG A 209 4.65 -9.72 -5.73
N HIS A 210 5.49 -10.54 -6.36
CA HIS A 210 5.18 -11.97 -6.40
C HIS A 210 6.21 -12.83 -5.68
N GLN A 211 7.08 -12.13 -4.94
CA GLN A 211 7.90 -12.70 -3.87
C GLN A 211 8.98 -13.61 -4.42
N GLY A 212 9.60 -13.18 -5.52
CA GLY A 212 10.68 -13.90 -6.18
C GLY A 212 10.29 -15.02 -7.13
N LYS A 213 9.02 -15.43 -7.12
CA LYS A 213 8.56 -16.55 -7.95
C LYS A 213 8.80 -16.43 -9.48
N ILE A 214 8.89 -15.22 -10.00
CA ILE A 214 8.97 -15.12 -11.44
C ILE A 214 10.40 -15.44 -11.86
N MET A 215 10.55 -16.36 -12.80
CA MET A 215 11.85 -16.60 -13.39
C MET A 215 12.08 -15.55 -14.49
N TYR A 216 12.87 -14.54 -14.21
CA TYR A 216 13.15 -13.53 -15.23
C TYR A 216 14.27 -13.94 -16.15
N VAL A 217 13.97 -13.99 -17.44
CA VAL A 217 14.97 -13.98 -18.49
C VAL A 217 15.09 -12.54 -18.99
N GLY A 218 16.00 -12.26 -19.92
CA GLY A 218 16.11 -10.88 -20.35
C GLY A 218 15.28 -10.60 -21.59
N ASP A 219 15.91 -9.86 -22.49
CA ASP A 219 15.45 -9.61 -23.85
C ASP A 219 14.80 -10.84 -24.54
N VAL A 220 13.66 -10.66 -25.22
CA VAL A 220 13.01 -11.79 -25.91
C VAL A 220 13.90 -12.34 -26.99
N ARG A 221 14.79 -11.51 -27.46
CA ARG A 221 15.66 -11.87 -28.54
C ARG A 221 16.81 -12.77 -28.09
N SER A 222 16.86 -13.07 -26.81
CA SER A 222 17.85 -13.99 -26.28
C SER A 222 17.24 -15.34 -26.01
N VAL A 223 15.93 -15.42 -26.21
CA VAL A 223 15.24 -16.66 -25.95
C VAL A 223 15.22 -17.55 -27.18
N THR A 224 15.91 -18.68 -27.08
CA THR A 224 16.08 -19.62 -28.18
C THR A 224 15.07 -20.76 -28.07
N GLN A 225 14.93 -21.53 -29.13
CA GLN A 225 14.02 -22.69 -29.11
C GLN A 225 14.52 -23.74 -28.10
N LYS A 226 15.85 -23.79 -27.95
CA LYS A 226 16.47 -24.70 -27.00
C LYS A 226 16.00 -24.33 -25.59
N HIS A 227 16.21 -23.05 -25.26
CA HIS A 227 15.67 -22.44 -24.07
C HIS A 227 14.19 -22.76 -23.88
N ILE A 228 13.39 -22.55 -24.92
CA ILE A 228 11.97 -22.77 -24.79
C ILE A 228 11.74 -24.20 -24.36
N GLN A 229 12.57 -25.09 -24.90
CA GLN A 229 12.41 -26.51 -24.67
C GLN A 229 12.83 -26.95 -23.27
N GLU A 230 13.95 -26.41 -22.81
CA GLU A 230 14.46 -26.76 -21.49
C GLU A 230 13.75 -25.97 -20.39
N TRP A 231 13.02 -24.90 -20.73
CA TRP A 231 12.24 -24.21 -19.72
C TRP A 231 10.90 -24.91 -19.55
N GLY A 232 10.84 -26.11 -20.11
CA GLY A 232 9.84 -27.12 -19.78
C GLY A 232 8.60 -26.73 -20.46
N PRO A 233 7.69 -27.68 -20.72
CA PRO A 233 6.45 -27.39 -21.45
C PRO A 233 5.72 -26.17 -20.90
N PHE A 234 5.11 -25.38 -21.78
CA PHE A 234 4.28 -24.28 -21.33
C PHE A 234 2.83 -24.57 -21.61
N ASP A 235 1.96 -24.13 -20.73
CA ASP A 235 0.54 -24.33 -20.95
C ASP A 235 -0.09 -23.06 -21.49
N LEU A 236 0.60 -21.94 -21.31
CA LEU A 236 0.04 -20.65 -21.65
C LEU A 236 1.12 -19.67 -22.04
N VAL A 237 1.06 -19.12 -23.26
CA VAL A 237 2.01 -18.09 -23.67
C VAL A 237 1.28 -16.75 -23.91
N ILE A 238 1.76 -15.68 -23.30
CA ILE A 238 1.03 -14.41 -23.36
C ILE A 238 1.97 -13.24 -23.57
N GLY A 239 1.43 -12.14 -24.10
CA GLY A 239 2.25 -10.97 -24.25
C GLY A 239 1.71 -9.84 -25.09
N GLY A 240 2.23 -8.65 -24.82
CA GLY A 240 1.91 -7.52 -25.64
C GLY A 240 3.16 -6.72 -25.87
N SER A 241 3.65 -6.75 -27.09
CA SER A 241 4.82 -6.01 -27.44
C SER A 241 4.54 -4.50 -27.40
N PRO A 242 5.61 -3.69 -27.33
CA PRO A 242 5.50 -2.24 -27.41
C PRO A 242 4.65 -1.79 -28.60
N CYS A 243 3.83 -0.77 -28.36
CA CYS A 243 2.88 -0.31 -29.36
C CYS A 243 3.29 0.99 -30.02
N ASN A 244 4.34 1.61 -29.51
CA ASN A 244 4.73 2.94 -29.98
C ASN A 244 4.99 3.03 -31.48
N ASP A 245 5.65 2.04 -32.04
CA ASP A 245 6.00 2.11 -33.45
C ASP A 245 4.90 1.53 -34.29
N LEU A 246 3.86 1.08 -33.61
CA LEU A 246 2.68 0.51 -34.27
C LEU A 246 1.61 1.55 -34.31
N SER A 247 1.53 2.32 -33.23
CA SER A 247 0.51 3.34 -33.06
C SER A 247 0.51 4.35 -34.19
N ILE A 248 -0.67 4.57 -34.76
CA ILE A 248 -0.82 5.32 -35.99
C ILE A 248 -0.77 6.82 -35.72
N VAL A 249 -1.14 7.20 -34.50
CA VAL A 249 -1.17 8.59 -34.08
C VAL A 249 0.24 9.09 -33.75
N ASN A 250 1.22 8.21 -33.86
CA ASN A 250 2.59 8.61 -33.62
C ASN A 250 3.26 8.92 -34.94
N PRO A 251 3.58 10.21 -35.15
CA PRO A 251 4.19 10.73 -36.37
C PRO A 251 5.48 10.00 -36.69
N ALA A 252 6.18 9.60 -35.65
CA ALA A 252 7.51 9.04 -35.83
C ALA A 252 7.49 7.51 -35.91
N ARG A 253 6.28 6.94 -35.82
CA ARG A 253 6.08 5.51 -35.87
C ARG A 253 6.93 4.86 -36.96
N LYS A 254 7.51 3.69 -36.64
CA LYS A 254 8.36 2.95 -37.58
C LYS A 254 7.71 1.67 -38.12
N GLY A 255 6.54 1.32 -37.57
CA GLY A 255 5.75 0.23 -38.11
C GLY A 255 6.22 -1.15 -37.72
N LEU A 256 5.37 -2.13 -37.99
CA LEU A 256 5.61 -3.53 -37.66
C LEU A 256 7.03 -4.08 -37.98
N TYR A 257 7.73 -3.53 -38.96
CA TYR A 257 8.95 -4.20 -39.40
C TYR A 257 10.22 -3.49 -38.94
N GLU A 258 10.06 -2.38 -38.24
CA GLU A 258 11.22 -1.65 -37.74
C GLU A 258 11.02 -1.27 -36.28
N GLY A 259 11.93 -0.45 -35.76
CA GLY A 259 11.83 0.02 -34.39
C GLY A 259 11.57 -1.12 -33.44
N THR A 260 10.68 -0.91 -32.49
CA THR A 260 10.30 -1.95 -31.56
C THR A 260 9.11 -2.67 -32.12
N GLY A 261 8.71 -2.29 -33.33
CA GLY A 261 7.51 -2.85 -33.91
C GLY A 261 7.71 -4.33 -34.14
N ARG A 262 8.93 -4.65 -34.58
CA ARG A 262 9.31 -6.01 -34.95
C ARG A 262 9.38 -6.92 -33.76
N LEU A 263 9.36 -6.37 -32.55
CA LEU A 263 9.32 -7.23 -31.37
C LEU A 263 8.08 -8.13 -31.44
N PHE A 264 7.06 -7.70 -32.18
CA PHE A 264 5.92 -8.58 -32.39
C PHE A 264 6.37 -9.96 -32.84
N PHE A 265 7.31 -9.97 -33.79
CA PHE A 265 7.71 -11.19 -34.46
C PHE A 265 8.39 -12.13 -33.49
N GLU A 266 9.08 -11.57 -32.48
CA GLU A 266 9.63 -12.43 -31.42
C GLU A 266 8.52 -13.23 -30.73
N PHE A 267 7.41 -12.57 -30.37
CA PHE A 267 6.28 -13.32 -29.86
C PHE A 267 5.94 -14.45 -30.84
N TYR A 268 5.75 -14.08 -32.10
CA TYR A 268 5.42 -15.03 -33.16
C TYR A 268 6.43 -16.23 -33.20
N ARG A 269 7.71 -15.94 -33.05
CA ARG A 269 8.72 -16.98 -32.95
C ARG A 269 8.46 -17.89 -31.76
N LEU A 270 8.45 -17.30 -30.56
CA LEU A 270 8.48 -18.09 -29.35
C LEU A 270 7.17 -18.88 -29.18
N LEU A 271 6.07 -18.30 -29.64
CA LEU A 271 4.80 -18.99 -29.60
C LEU A 271 4.95 -20.28 -30.36
N HIS A 272 5.59 -20.16 -31.53
CA HIS A 272 5.77 -21.30 -32.40
C HIS A 272 6.59 -22.36 -31.70
N ASP A 273 7.66 -21.90 -31.08
CA ASP A 273 8.58 -22.78 -30.42
C ASP A 273 7.92 -23.46 -29.23
N ALA A 274 6.99 -22.76 -28.58
CA ALA A 274 6.44 -23.26 -27.33
C ALA A 274 5.26 -24.15 -27.61
N ARG A 275 4.84 -24.15 -28.85
CA ARG A 275 3.62 -24.81 -29.22
C ARG A 275 3.82 -26.29 -29.36
N PRO A 276 2.87 -27.07 -28.87
CA PRO A 276 2.87 -28.54 -29.03
C PRO A 276 2.78 -28.99 -30.50
N LYS A 277 3.42 -30.11 -30.84
CA LYS A 277 3.33 -30.70 -32.17
C LYS A 277 1.93 -31.25 -32.43
N GLU A 278 1.53 -31.38 -33.69
CA GLU A 278 0.26 -32.00 -34.00
C GLU A 278 0.32 -33.43 -33.50
N GLY A 279 -0.79 -33.92 -32.98
CA GLY A 279 -0.79 -35.26 -32.43
C GLY A 279 -0.55 -35.18 -30.94
N ASP A 280 0.04 -34.10 -30.45
CA ASP A 280 0.06 -33.83 -29.01
C ASP A 280 -1.16 -32.97 -28.66
N ASP A 281 -2.22 -33.58 -28.15
CA ASP A 281 -3.47 -32.82 -27.93
C ASP A 281 -3.60 -32.16 -26.57
N ARG A 282 -2.49 -31.97 -25.87
CA ARG A 282 -2.55 -31.31 -24.58
C ARG A 282 -3.05 -29.88 -24.71
N PRO A 283 -3.87 -29.42 -23.75
CA PRO A 283 -4.39 -28.05 -23.81
C PRO A 283 -3.26 -27.06 -23.88
N PHE A 284 -3.44 -26.03 -24.68
CA PHE A 284 -2.42 -25.00 -24.88
C PHE A 284 -3.13 -23.72 -25.24
N PHE A 285 -2.67 -22.60 -24.69
CA PHE A 285 -3.35 -21.36 -24.85
C PHE A 285 -2.37 -20.25 -25.03
N TRP A 286 -2.79 -19.24 -25.79
CA TRP A 286 -1.91 -18.13 -26.08
C TRP A 286 -2.74 -16.86 -26.22
N LEU A 287 -2.13 -15.73 -25.91
CA LEU A 287 -2.80 -14.47 -25.96
C LEU A 287 -1.83 -13.37 -26.32
N PHE A 288 -2.08 -12.67 -27.40
CA PHE A 288 -1.26 -11.53 -27.75
C PHE A 288 -2.12 -10.30 -27.80
N GLU A 289 -1.61 -9.20 -27.27
CA GLU A 289 -2.41 -8.00 -27.16
C GLU A 289 -1.68 -6.88 -27.88
N ASN A 290 -2.45 -5.93 -28.42
CA ASN A 290 -1.85 -4.67 -28.85
C ASN A 290 -2.94 -3.63 -29.05
N VAL A 291 -2.52 -2.42 -29.43
CA VAL A 291 -3.44 -1.29 -29.59
C VAL A 291 -4.28 -1.39 -30.85
N VAL A 292 -5.55 -0.97 -30.74
CA VAL A 292 -6.47 -0.96 -31.89
C VAL A 292 -6.12 0.20 -32.84
N ALA A 293 -5.50 1.24 -32.29
CA ALA A 293 -5.04 2.38 -33.07
C ALA A 293 -3.83 2.08 -33.98
N MET A 294 -3.80 0.94 -34.65
CA MET A 294 -2.65 0.66 -35.49
C MET A 294 -2.95 0.86 -36.97
N GLY A 295 -1.96 0.67 -37.83
CA GLY A 295 -2.20 0.71 -39.27
C GLY A 295 -3.11 -0.40 -39.74
N VAL A 296 -3.46 -0.45 -41.02
CA VAL A 296 -4.38 -1.48 -41.48
C VAL A 296 -3.63 -2.70 -41.98
N SER A 297 -2.57 -2.44 -42.72
CA SER A 297 -1.68 -3.51 -43.15
C SER A 297 -0.95 -4.13 -41.95
N ASP A 298 -0.66 -3.32 -40.93
CA ASP A 298 -0.06 -3.82 -39.69
C ASP A 298 -0.99 -4.86 -39.05
N LYS A 299 -2.23 -4.46 -38.82
CA LYS A 299 -3.18 -5.34 -38.16
C LYS A 299 -3.38 -6.59 -39.00
N ARG A 300 -3.38 -6.42 -40.31
CA ARG A 300 -3.57 -7.59 -41.17
C ARG A 300 -2.38 -8.54 -41.03
N ASP A 301 -1.15 -8.01 -41.04
CA ASP A 301 0.05 -8.83 -40.95
C ASP A 301 0.19 -9.57 -39.64
N ILE A 302 -0.22 -8.92 -38.56
CA ILE A 302 -0.27 -9.62 -37.27
C ILE A 302 -1.25 -10.76 -37.44
N SER A 303 -2.44 -10.48 -37.97
CA SER A 303 -3.43 -11.55 -38.10
C SER A 303 -2.95 -12.74 -38.97
N ARG A 304 -2.16 -12.41 -39.99
CA ARG A 304 -1.57 -13.38 -40.90
C ARG A 304 -0.59 -14.26 -40.16
N PHE A 305 0.25 -13.63 -39.36
CA PHE A 305 1.30 -14.36 -38.68
C PHE A 305 0.75 -15.19 -37.49
N LEU A 306 -0.25 -14.68 -36.79
CA LEU A 306 -0.82 -15.48 -35.71
C LEU A 306 -1.97 -16.32 -36.24
N GLU A 307 -2.23 -16.22 -37.54
CA GLU A 307 -3.26 -17.00 -38.22
C GLU A 307 -4.59 -16.85 -37.55
N SER A 308 -4.86 -15.67 -37.01
CA SER A 308 -6.18 -15.44 -36.43
C SER A 308 -6.56 -13.95 -36.47
N ASN A 309 -7.82 -13.67 -36.22
CA ASN A 309 -8.24 -12.29 -36.11
C ASN A 309 -8.47 -11.91 -34.67
N PRO A 310 -8.14 -10.66 -34.32
CA PRO A 310 -8.26 -10.13 -32.95
C PRO A 310 -9.68 -9.96 -32.49
N VAL A 311 -9.93 -10.07 -31.20
CA VAL A 311 -11.16 -9.53 -30.65
C VAL A 311 -10.87 -8.14 -30.13
N MET A 312 -11.79 -7.19 -30.27
CA MET A 312 -11.55 -5.91 -29.63
C MET A 312 -12.31 -5.83 -28.32
N ILE A 313 -11.59 -5.49 -27.24
CA ILE A 313 -12.17 -5.29 -25.91
C ILE A 313 -11.72 -3.96 -25.34
N ASP A 314 -12.70 -3.20 -24.83
CA ASP A 314 -12.47 -1.89 -24.22
C ASP A 314 -12.67 -2.00 -22.73
N ALA A 315 -11.73 -1.45 -21.98
CA ALA A 315 -11.76 -1.51 -20.53
C ALA A 315 -13.01 -0.84 -19.95
N LYS A 316 -13.46 0.23 -20.62
CA LYS A 316 -14.56 1.05 -20.15
C LYS A 316 -15.72 0.22 -19.69
N GLU A 317 -15.88 -0.94 -20.29
CA GLU A 317 -17.04 -1.73 -20.00
C GLU A 317 -17.02 -2.17 -18.57
N VAL A 318 -15.82 -2.21 -18.00
CA VAL A 318 -15.61 -2.94 -16.76
C VAL A 318 -14.60 -2.23 -15.83
N SER A 319 -14.01 -1.15 -16.33
CA SER A 319 -13.07 -0.32 -15.58
C SER A 319 -13.48 1.14 -15.74
N ALA A 320 -12.58 2.07 -15.49
CA ALA A 320 -13.00 3.48 -15.54
C ALA A 320 -12.15 4.24 -16.51
N ALA A 321 -11.66 3.50 -17.50
CA ALA A 321 -10.84 4.09 -18.53
C ALA A 321 -11.35 3.72 -19.93
N HIS A 322 -11.21 4.65 -20.85
CA HIS A 322 -11.38 4.32 -22.24
C HIS A 322 -10.08 3.69 -22.62
N ARG A 323 -10.11 2.37 -22.79
CA ARG A 323 -8.92 1.64 -23.23
C ARG A 323 -9.32 0.52 -24.20
N ALA A 324 -9.20 0.81 -25.49
CA ALA A 324 -9.62 -0.14 -26.52
C ALA A 324 -8.41 -0.92 -27.02
N ARG A 325 -8.48 -2.25 -26.92
CA ARG A 325 -7.35 -3.08 -27.30
C ARG A 325 -7.77 -4.32 -28.11
N TYR A 326 -6.89 -4.72 -29.05
CA TYR A 326 -7.03 -5.99 -29.75
C TYR A 326 -6.34 -7.13 -28.98
N PHE A 327 -7.03 -8.26 -28.97
CA PHE A 327 -6.57 -9.47 -28.35
C PHE A 327 -6.70 -10.63 -29.33
N TRP A 328 -5.58 -11.07 -29.89
CA TRP A 328 -5.49 -12.34 -30.60
C TRP A 328 -5.23 -13.52 -29.65
N GLY A 329 -5.82 -14.68 -29.88
CA GLY A 329 -5.58 -15.82 -29.02
C GLY A 329 -6.59 -16.94 -29.13
N ASN A 330 -6.40 -18.00 -28.35
CA ASN A 330 -7.32 -19.13 -28.37
C ASN A 330 -7.92 -19.46 -27.02
N LEU A 331 -7.94 -18.49 -26.11
CA LEU A 331 -8.61 -18.71 -24.84
C LEU A 331 -10.09 -18.97 -25.04
N PRO A 332 -10.63 -19.95 -24.33
CA PRO A 332 -12.06 -20.23 -24.42
C PRO A 332 -12.89 -18.99 -24.23
N GLY A 333 -13.97 -18.89 -24.98
CA GLY A 333 -14.95 -17.84 -24.78
C GLY A 333 -14.42 -16.42 -24.83
N MET A 334 -13.35 -16.13 -25.56
CA MET A 334 -12.87 -14.75 -25.54
C MET A 334 -13.69 -13.82 -26.43
N ASN A 335 -14.69 -14.37 -27.11
CA ASN A 335 -15.65 -13.55 -27.86
C ASN A 335 -16.82 -13.13 -27.01
N ARG A 336 -17.03 -13.90 -25.94
CA ARG A 336 -18.16 -13.75 -25.04
C ARG A 336 -18.24 -12.33 -24.49
N PRO A 337 -19.43 -11.91 -24.07
CA PRO A 337 -19.65 -10.53 -23.60
C PRO A 337 -18.96 -10.23 -22.28
N LEU A 338 -18.49 -8.99 -22.08
CA LEU A 338 -17.90 -8.58 -20.81
C LEU A 338 -18.92 -8.22 -19.76
N ALA A 339 -18.80 -8.80 -18.57
CA ALA A 339 -19.68 -8.44 -17.48
C ALA A 339 -18.96 -7.59 -16.42
N SER A 340 -19.70 -6.70 -15.77
CA SER A 340 -19.10 -5.97 -14.67
C SER A 340 -19.55 -6.52 -13.35
N THR A 341 -18.62 -7.14 -12.64
CA THR A 341 -18.84 -7.61 -11.28
C THR A 341 -18.77 -6.43 -10.32
N VAL A 342 -19.41 -6.57 -9.16
CA VAL A 342 -19.57 -5.49 -8.18
C VAL A 342 -18.25 -4.88 -7.73
N ASN A 343 -17.24 -5.72 -7.59
CA ASN A 343 -15.90 -5.28 -7.23
C ASN A 343 -15.36 -4.17 -8.13
N ASP A 344 -15.78 -4.16 -9.39
CA ASP A 344 -15.19 -3.26 -10.39
C ASP A 344 -15.55 -1.79 -10.13
N LYS A 345 -14.66 -0.90 -10.53
CA LYS A 345 -14.89 0.53 -10.33
C LYS A 345 -15.07 1.26 -11.66
N LEU A 346 -16.33 1.32 -12.10
CA LEU A 346 -16.78 2.18 -13.20
C LEU A 346 -16.85 3.58 -12.61
N GLU A 347 -16.55 4.61 -13.41
CA GLU A 347 -16.49 6.01 -12.92
C GLU A 347 -15.21 6.38 -12.17
N LEU A 348 -14.48 7.34 -12.75
CA LEU A 348 -13.33 7.94 -12.13
C LEU A 348 -13.54 8.31 -10.67
N GLN A 349 -14.72 8.78 -10.28
CA GLN A 349 -14.97 9.16 -8.89
C GLN A 349 -14.72 8.00 -7.92
N GLU A 350 -15.13 6.79 -8.29
CA GLU A 350 -14.95 5.61 -7.41
C GLU A 350 -13.45 5.37 -7.13
N CYS A 351 -12.63 5.95 -7.98
CA CYS A 351 -11.19 5.76 -8.02
C CYS A 351 -10.41 6.92 -7.42
N LEU A 352 -11.12 7.98 -7.06
CA LEU A 352 -10.43 9.18 -6.62
C LEU A 352 -10.24 9.14 -5.10
N GLU A 353 -9.27 9.93 -4.62
CA GLU A 353 -9.10 10.06 -3.17
C GLU A 353 -10.08 11.12 -2.65
N HIS A 354 -10.55 10.99 -1.41
CA HIS A 354 -11.59 11.88 -0.89
C HIS A 354 -11.19 13.36 -0.91
N GLY A 355 -12.12 14.22 -1.30
CA GLY A 355 -11.84 15.65 -1.37
C GLY A 355 -11.44 16.04 -2.78
N ARG A 356 -11.29 15.01 -3.60
CA ARG A 356 -10.96 15.19 -5.00
C ARG A 356 -12.23 14.82 -5.77
N ILE A 357 -12.44 15.50 -6.89
CA ILE A 357 -13.65 15.30 -7.66
C ILE A 357 -13.38 15.15 -9.16
N ALA A 358 -14.06 14.16 -9.74
CA ALA A 358 -13.84 13.74 -11.13
C ALA A 358 -14.57 14.62 -12.15
N LYS A 359 -13.80 15.24 -13.06
CA LYS A 359 -14.42 15.90 -14.21
C LYS A 359 -15.21 14.92 -15.08
N PHE A 360 -14.53 13.94 -15.66
CA PHE A 360 -15.18 12.99 -16.57
C PHE A 360 -15.67 11.77 -15.83
N SER A 361 -16.25 10.82 -16.55
CA SER A 361 -16.65 9.59 -15.88
C SER A 361 -15.67 8.47 -16.19
N LYS A 362 -14.87 8.67 -17.24
CA LYS A 362 -13.87 7.69 -17.64
C LYS A 362 -12.60 8.45 -17.95
N VAL A 363 -11.45 7.84 -17.64
CA VAL A 363 -10.18 8.47 -17.99
C VAL A 363 -9.96 8.18 -19.44
N ARG A 364 -9.22 9.02 -20.15
CA ARG A 364 -8.95 8.72 -21.54
C ARG A 364 -7.44 8.67 -21.78
N THR A 365 -6.95 7.47 -22.08
CA THR A 365 -5.57 7.24 -22.49
C THR A 365 -5.46 6.01 -23.42
N ILE A 366 -5.50 6.26 -24.73
CA ILE A 366 -5.43 5.23 -25.76
C ILE A 366 -6.35 4.06 -25.46
N GLN A 379 -9.78 18.21 -18.80
CA GLN A 379 -8.83 18.36 -19.90
C GLN A 379 -7.70 17.34 -19.75
N HIS A 380 -6.47 17.78 -19.99
CA HIS A 380 -5.30 16.92 -19.85
C HIS A 380 -5.11 16.55 -18.38
N PHE A 381 -5.68 17.37 -17.50
CA PHE A 381 -5.68 17.12 -16.07
C PHE A 381 -7.13 16.91 -15.59
N PRO A 382 -7.51 15.65 -15.42
CA PRO A 382 -8.85 15.12 -15.14
C PRO A 382 -9.44 15.39 -13.76
N VAL A 383 -8.78 16.16 -12.92
CA VAL A 383 -9.27 16.25 -11.54
C VAL A 383 -9.47 17.68 -11.01
N PHE A 384 -10.51 17.87 -10.22
CA PHE A 384 -10.66 19.12 -9.49
C PHE A 384 -10.37 18.86 -8.03
N MET A 385 -9.45 19.64 -7.50
CA MET A 385 -9.13 19.56 -6.09
C MET A 385 -9.01 20.98 -5.59
N ASN A 386 -9.99 21.38 -4.79
CA ASN A 386 -10.04 22.71 -4.21
C ASN A 386 -9.76 23.80 -5.25
N GLU A 387 -10.68 23.94 -6.21
CA GLU A 387 -10.60 24.89 -7.31
C GLU A 387 -9.42 24.69 -8.28
N LYS A 388 -8.40 23.91 -7.93
CA LYS A 388 -7.31 23.75 -8.90
C LYS A 388 -7.36 22.41 -9.65
N GLU A 389 -6.75 22.43 -10.84
CA GLU A 389 -6.85 21.35 -11.81
C GLU A 389 -5.66 20.41 -11.72
N ASP A 390 -5.91 19.24 -11.13
CA ASP A 390 -4.84 18.31 -10.81
C ASP A 390 -4.90 17.06 -11.67
N ILE A 391 -3.75 16.40 -11.78
CA ILE A 391 -3.59 15.14 -12.49
C ILE A 391 -3.98 13.97 -11.60
N LEU A 392 -4.07 12.79 -12.19
CA LEU A 392 -4.36 11.58 -11.43
C LEU A 392 -3.19 11.17 -10.53
N TRP A 393 -3.50 10.77 -9.30
CA TRP A 393 -2.45 10.28 -8.40
C TRP A 393 -2.15 8.83 -8.73
N CYS A 394 -0.89 8.41 -8.63
CA CYS A 394 -0.54 7.04 -9.00
C CYS A 394 -1.45 6.03 -8.37
N THR A 395 -1.90 6.31 -7.16
CA THR A 395 -2.72 5.37 -6.47
C THR A 395 -4.10 5.36 -7.14
N GLU A 396 -4.45 6.52 -7.69
CA GLU A 396 -5.74 6.67 -8.37
C GLU A 396 -5.67 5.96 -9.71
N MET A 397 -4.57 6.16 -10.43
CA MET A 397 -4.31 5.47 -11.70
C MET A 397 -4.35 3.97 -11.52
N GLU A 398 -3.74 3.49 -10.44
CA GLU A 398 -3.83 2.09 -10.11
C GLU A 398 -5.28 1.71 -10.00
N ARG A 399 -6.07 2.56 -9.39
CA ARG A 399 -7.46 2.16 -9.13
C ARG A 399 -8.25 2.09 -10.40
N VAL A 400 -7.92 3.00 -11.31
CA VAL A 400 -8.49 3.04 -12.66
C VAL A 400 -8.19 1.75 -13.37
N PHE A 401 -6.92 1.34 -13.37
CA PHE A 401 -6.48 0.20 -14.15
C PHE A 401 -6.79 -1.16 -13.58
N GLY A 402 -7.45 -1.20 -12.42
CA GLY A 402 -7.89 -2.47 -11.86
C GLY A 402 -6.88 -3.12 -10.93
N PHE A 403 -5.67 -2.57 -10.88
CA PHE A 403 -4.64 -3.04 -9.96
C PHE A 403 -5.02 -2.79 -8.51
N PRO A 404 -4.57 -3.67 -7.60
CA PRO A 404 -4.78 -3.42 -6.17
C PRO A 404 -3.98 -2.22 -5.78
N VAL A 405 -4.46 -1.45 -4.84
CA VAL A 405 -3.84 -0.18 -4.52
C VAL A 405 -2.45 -0.33 -3.98
N HIS A 406 -1.53 0.47 -4.53
CA HIS A 406 -0.10 0.57 -4.14
C HIS A 406 0.75 -0.48 -4.83
N TYR A 407 0.17 -1.17 -5.82
CA TYR A 407 0.82 -2.31 -6.46
C TYR A 407 2.14 -1.89 -7.07
N THR A 408 2.24 -0.64 -7.49
CA THR A 408 3.49 -0.17 -8.07
C THR A 408 4.29 0.74 -7.14
N ASP A 409 3.92 0.73 -5.86
CA ASP A 409 4.72 1.35 -4.81
C ASP A 409 5.76 0.32 -4.36
N VAL A 410 6.93 0.30 -5.00
CA VAL A 410 7.83 -0.79 -4.71
C VAL A 410 9.28 -0.30 -4.52
N SER A 411 9.81 0.47 -5.46
CA SER A 411 11.20 0.91 -5.30
C SER A 411 11.29 2.40 -5.03
N ASN A 412 12.32 3.02 -5.56
CA ASN A 412 12.51 4.46 -5.52
C ASN A 412 12.40 5.11 -6.89
N MET A 413 11.69 4.46 -7.80
CA MET A 413 11.49 4.99 -9.13
C MET A 413 10.63 6.25 -9.09
N SER A 414 10.91 7.17 -10.01
CA SER A 414 10.21 8.46 -10.02
C SER A 414 8.69 8.32 -10.17
N ARG A 415 7.96 9.40 -9.90
CA ARG A 415 6.53 9.42 -10.15
C ARG A 415 6.32 9.21 -11.66
N LEU A 416 7.18 9.84 -12.47
CA LEU A 416 7.16 9.68 -13.91
C LEU A 416 7.21 8.22 -14.32
N ALA A 417 8.14 7.48 -13.70
CA ALA A 417 8.39 6.07 -14.03
C ALA A 417 7.21 5.18 -13.62
N ARG A 418 6.63 5.50 -12.48
CA ARG A 418 5.52 4.72 -11.99
C ARG A 418 4.30 4.94 -12.86
N GLN A 419 4.12 6.19 -13.29
CA GLN A 419 3.05 6.55 -14.19
C GLN A 419 3.24 5.78 -15.51
N ARG A 420 4.40 5.92 -16.15
CA ARG A 420 4.69 5.21 -17.40
C ARG A 420 4.44 3.68 -17.30
N LEU A 421 4.89 3.08 -16.21
CA LEU A 421 4.62 1.66 -15.99
C LEU A 421 3.13 1.39 -16.01
N LEU A 422 2.35 2.19 -15.28
CA LEU A 422 0.92 1.94 -15.31
C LEU A 422 0.34 2.24 -16.71
N GLY A 423 0.96 3.19 -17.43
CA GLY A 423 0.55 3.56 -18.76
C GLY A 423 0.55 2.36 -19.68
N ARG A 424 1.62 1.59 -19.68
CA ARG A 424 1.71 0.43 -20.58
C ARG A 424 0.83 -0.78 -20.26
N SER A 425 0.30 -0.90 -19.05
CA SER A 425 -0.20 -2.20 -18.62
C SER A 425 -1.60 -2.59 -19.10
N TRP A 426 -1.90 -3.86 -18.94
CA TRP A 426 -3.22 -4.38 -19.25
C TRP A 426 -4.23 -3.95 -18.19
N SER A 427 -5.47 -3.76 -18.58
CA SER A 427 -6.51 -3.49 -17.61
C SER A 427 -6.75 -4.80 -16.86
N VAL A 428 -6.58 -4.77 -15.55
CA VAL A 428 -6.66 -5.99 -14.77
C VAL A 428 -8.02 -6.70 -14.96
N PRO A 429 -9.15 -5.96 -14.94
CA PRO A 429 -10.39 -6.76 -15.05
C PRO A 429 -10.66 -7.34 -16.47
N VAL A 430 -10.07 -6.72 -17.50
CA VAL A 430 -10.16 -7.24 -18.85
C VAL A 430 -9.42 -8.59 -18.93
N ILE A 431 -8.16 -8.58 -18.47
CA ILE A 431 -7.39 -9.81 -18.36
C ILE A 431 -8.05 -10.84 -17.45
N ARG A 432 -8.68 -10.41 -16.38
CA ARG A 432 -9.38 -11.37 -15.55
C ARG A 432 -10.46 -12.06 -16.37
N HIS A 433 -11.14 -11.26 -17.19
CA HIS A 433 -12.19 -11.76 -18.07
C HIS A 433 -11.59 -12.79 -19.04
N LEU A 434 -10.47 -12.44 -19.66
CA LEU A 434 -9.85 -13.33 -20.61
C LEU A 434 -9.36 -14.63 -19.95
N PHE A 435 -8.70 -14.54 -18.78
CA PHE A 435 -8.09 -15.71 -18.12
C PHE A 435 -9.07 -16.61 -17.38
N ALA A 436 -10.24 -16.10 -17.06
CA ALA A 436 -11.14 -16.86 -16.19
C ALA A 436 -11.41 -18.28 -16.67
N PRO A 437 -11.67 -18.49 -17.97
CA PRO A 437 -12.08 -19.89 -18.21
C PRO A 437 -10.93 -20.89 -18.15
N LEU A 438 -9.69 -20.42 -18.12
CA LEU A 438 -8.54 -21.30 -17.84
C LEU A 438 -8.72 -22.13 -16.55
N LYS A 439 -9.58 -21.66 -15.65
CA LYS A 439 -9.91 -22.36 -14.41
C LYS A 439 -10.50 -23.74 -14.69
N GLU A 440 -11.18 -23.87 -15.82
CA GLU A 440 -11.78 -25.14 -16.17
C GLU A 440 -10.77 -26.11 -16.81
N TYR A 441 -9.52 -25.67 -16.89
CA TYR A 441 -8.46 -26.46 -17.52
C TYR A 441 -7.28 -26.66 -16.60
N PHE A 442 -7.26 -25.96 -15.48
CA PHE A 442 -6.12 -26.11 -14.60
C PHE A 442 -6.51 -26.15 -13.13
N ALA A 443 -5.50 -26.31 -12.28
CA ALA A 443 -5.66 -26.56 -10.84
C ALA A 443 -5.88 -25.32 -9.95
N CYS A 444 -6.64 -25.54 -8.88
CA CYS A 444 -7.03 -24.48 -7.97
C CYS A 444 -6.30 -24.54 -6.63
N VAL A 445 -6.16 -23.38 -6.00
CA VAL A 445 -5.63 -23.28 -4.64
C VAL A 445 -6.75 -23.51 -3.60
N PHE B 7 24.72 -34.14 -43.04
CA PHE B 7 23.70 -34.85 -43.83
C PHE B 7 22.64 -35.52 -42.96
N MET B 8 21.39 -35.09 -43.08
CA MET B 8 20.36 -35.53 -42.12
C MET B 8 19.40 -36.58 -42.66
N PHE B 9 19.47 -36.87 -43.94
CA PHE B 9 18.52 -37.84 -44.49
C PHE B 9 19.21 -39.02 -45.17
N GLU B 10 18.54 -40.16 -45.14
CA GLU B 10 19.02 -41.34 -45.83
C GLU B 10 18.97 -41.11 -47.34
N THR B 11 20.02 -41.55 -48.04
CA THR B 11 20.07 -41.42 -49.48
C THR B 11 19.09 -42.37 -50.14
N VAL B 12 18.33 -41.83 -51.08
CA VAL B 12 17.37 -42.59 -51.86
C VAL B 12 18.06 -43.29 -53.03
N PRO B 13 17.71 -44.56 -53.28
CA PRO B 13 18.16 -45.23 -54.52
C PRO B 13 17.63 -44.51 -55.77
N VAL B 14 18.45 -44.47 -56.82
CA VAL B 14 18.22 -43.61 -57.99
C VAL B 14 16.88 -43.83 -58.72
N TRP B 15 16.46 -45.08 -58.88
CA TRP B 15 15.22 -45.34 -59.61
C TRP B 15 14.00 -44.92 -58.79
N ARG B 16 14.21 -44.80 -57.48
CA ARG B 16 13.14 -44.42 -56.58
C ARG B 16 13.02 -42.90 -56.47
N ARG B 17 14.08 -42.21 -56.89
CA ARG B 17 14.15 -40.76 -56.82
C ARG B 17 13.10 -40.08 -57.68
N GLN B 18 12.65 -38.93 -57.20
CA GLN B 18 11.54 -38.23 -57.81
C GLN B 18 11.94 -36.76 -57.98
N PRO B 19 11.23 -36.02 -58.85
CA PRO B 19 11.64 -34.63 -59.16
C PRO B 19 11.40 -33.63 -58.00
N VAL B 20 12.35 -32.73 -57.70
CA VAL B 20 12.12 -31.76 -56.64
C VAL B 20 10.87 -30.92 -56.88
N ARG B 21 10.20 -30.56 -55.79
CA ARG B 21 9.09 -29.62 -55.82
C ARG B 21 9.57 -28.38 -55.11
N VAL B 22 9.52 -27.23 -55.77
CA VAL B 22 10.13 -26.05 -55.19
C VAL B 22 9.14 -24.90 -55.00
N LEU B 23 9.17 -24.28 -53.83
CA LEU B 23 8.48 -23.03 -53.59
C LEU B 23 9.54 -21.93 -53.60
N SER B 24 9.40 -20.98 -54.53
CA SER B 24 10.43 -19.96 -54.74
C SER B 24 9.84 -18.58 -54.49
N LEU B 25 10.37 -17.87 -53.50
CA LEU B 25 9.58 -16.81 -52.88
C LEU B 25 9.77 -15.39 -53.37
N PHE B 26 10.98 -14.91 -53.55
CA PHE B 26 10.97 -13.54 -54.05
C PHE B 26 11.75 -13.48 -55.35
N GLU B 27 13.02 -13.83 -55.33
N GLU B 27 13.02 -13.87 -55.29
CA GLU B 27 13.74 -14.09 -56.56
CA GLU B 27 13.82 -14.22 -56.46
C GLU B 27 13.19 -15.39 -57.17
C GLU B 27 13.17 -15.42 -57.17
N ASP B 28 13.67 -15.77 -58.34
CA ASP B 28 13.23 -17.01 -58.99
C ASP B 28 14.44 -17.85 -59.35
N ILE B 29 14.39 -19.12 -59.00
CA ILE B 29 15.49 -20.03 -59.29
C ILE B 29 15.13 -21.04 -60.37
N LYS B 30 14.07 -20.76 -61.13
CA LYS B 30 13.59 -21.68 -62.18
C LYS B 30 14.75 -22.15 -63.06
N LYS B 31 15.51 -21.22 -63.62
CA LYS B 31 16.64 -21.64 -64.40
C LYS B 31 17.96 -21.34 -63.70
N GLU B 32 18.31 -22.25 -62.81
CA GLU B 32 19.70 -22.59 -62.51
C GLU B 32 19.47 -23.95 -61.89
N LEU B 33 18.19 -24.16 -61.58
CA LEU B 33 17.67 -25.44 -61.12
C LEU B 33 17.30 -26.30 -62.33
N THR B 34 17.03 -25.63 -63.45
CA THR B 34 16.81 -26.32 -64.70
C THR B 34 18.17 -26.64 -65.30
N SER B 35 19.09 -25.69 -65.14
CA SER B 35 20.47 -25.83 -65.59
C SER B 35 21.17 -27.02 -64.95
N LEU B 36 20.84 -27.27 -63.69
CA LEU B 36 21.50 -28.31 -62.93
C LEU B 36 20.83 -29.67 -63.14
N GLY B 37 19.65 -29.64 -63.73
CA GLY B 37 18.97 -30.88 -64.10
C GLY B 37 17.87 -31.27 -63.14
N PHE B 38 17.54 -30.38 -62.22
CA PHE B 38 16.51 -30.66 -61.21
C PHE B 38 15.12 -30.52 -61.77
N LEU B 39 14.92 -29.47 -62.57
CA LEU B 39 13.70 -29.29 -63.36
C LEU B 39 13.94 -29.70 -64.82
N GLU B 40 12.98 -30.38 -65.43
CA GLU B 40 13.12 -30.75 -66.83
C GLU B 40 12.89 -29.54 -67.71
N SER B 41 13.73 -29.40 -68.74
CA SER B 41 13.69 -28.24 -69.62
C SER B 41 12.35 -28.12 -70.35
N GLY B 42 11.64 -29.25 -70.48
CA GLY B 42 10.29 -29.24 -70.98
C GLY B 42 9.46 -28.27 -70.16
N SER B 43 8.76 -27.36 -70.85
CA SER B 43 8.16 -26.21 -70.18
C SER B 43 6.80 -26.56 -69.57
N ASP B 44 6.84 -26.97 -68.32
CA ASP B 44 5.64 -27.14 -67.50
C ASP B 44 5.58 -26.03 -66.48
N PRO B 45 4.39 -25.77 -65.91
CA PRO B 45 4.44 -25.08 -64.63
C PRO B 45 4.96 -26.09 -63.62
N GLY B 46 4.23 -27.22 -63.56
CA GLY B 46 4.65 -28.39 -62.81
C GLY B 46 5.25 -28.21 -61.43
N GLN B 47 6.58 -28.37 -61.39
CA GLN B 47 7.30 -28.60 -60.17
C GLN B 47 7.79 -27.35 -59.42
N LEU B 48 7.57 -26.17 -59.97
CA LEU B 48 7.99 -24.95 -59.26
C LEU B 48 6.89 -23.91 -59.17
N LYS B 49 6.65 -23.45 -57.95
CA LYS B 49 5.73 -22.35 -57.68
C LYS B 49 6.52 -21.13 -57.29
N HIS B 50 6.18 -20.01 -57.90
CA HIS B 50 6.85 -18.74 -57.60
C HIS B 50 5.80 -17.75 -57.19
N VAL B 51 5.98 -17.17 -56.01
CA VAL B 51 5.06 -16.16 -55.52
C VAL B 51 5.92 -14.97 -55.27
N VAL B 52 5.31 -13.82 -55.07
CA VAL B 52 6.03 -12.56 -54.91
C VAL B 52 5.43 -11.73 -53.77
N ASP B 53 4.15 -11.41 -53.88
CA ASP B 53 3.45 -10.73 -52.81
C ASP B 53 2.67 -11.74 -51.99
N VAL B 54 3.35 -12.31 -51.00
CA VAL B 54 2.74 -13.36 -50.19
C VAL B 54 1.75 -12.77 -49.19
N THR B 55 1.79 -11.46 -49.02
CA THR B 55 0.93 -10.73 -48.10
C THR B 55 -0.35 -11.43 -47.72
N ASP B 56 -1.06 -11.97 -48.71
CA ASP B 56 -2.30 -12.67 -48.40
C ASP B 56 -2.21 -14.19 -48.60
N THR B 57 -0.99 -14.70 -48.73
CA THR B 57 -0.76 -16.15 -48.72
C THR B 57 -1.09 -16.75 -47.36
N VAL B 58 -1.95 -17.74 -47.39
CA VAL B 58 -2.39 -18.42 -46.21
C VAL B 58 -1.72 -19.79 -46.19
N ARG B 59 -1.59 -20.42 -45.04
CA ARG B 59 -1.10 -21.79 -44.97
C ARG B 59 -1.85 -22.77 -45.91
N LYS B 60 -3.16 -22.57 -46.10
CA LYS B 60 -3.90 -23.43 -47.01
C LYS B 60 -3.37 -23.37 -48.45
N ASP B 61 -3.00 -22.18 -48.88
CA ASP B 61 -2.42 -22.00 -50.19
C ASP B 61 -1.17 -22.86 -50.30
N VAL B 62 -0.23 -22.66 -49.38
CA VAL B 62 1.02 -23.40 -49.44
C VAL B 62 0.73 -24.90 -49.42
N GLU B 63 -0.30 -25.31 -48.69
CA GLU B 63 -0.62 -26.72 -48.64
C GLU B 63 -1.12 -27.23 -49.99
N GLU B 64 -1.96 -26.43 -50.66
CA GLU B 64 -2.56 -26.81 -51.95
C GLU B 64 -1.61 -26.68 -53.13
N TRP B 65 -0.65 -25.77 -53.05
CA TRP B 65 0.42 -25.77 -54.03
C TRP B 65 1.34 -26.95 -53.77
N GLY B 66 0.77 -28.02 -53.23
CA GLY B 66 1.38 -29.33 -53.19
C GLY B 66 2.60 -29.38 -52.33
N PRO B 67 3.11 -30.59 -52.08
CA PRO B 67 4.28 -30.83 -51.23
C PRO B 67 5.48 -30.07 -51.76
N PHE B 68 6.35 -29.56 -50.91
CA PHE B 68 7.54 -28.89 -51.39
C PHE B 68 8.76 -29.52 -50.77
N ASP B 69 9.80 -29.77 -51.58
CA ASP B 69 10.98 -30.43 -51.05
C ASP B 69 12.06 -29.40 -50.81
N LEU B 70 11.87 -28.23 -51.42
CA LEU B 70 12.80 -27.15 -51.24
C LEU B 70 12.01 -25.86 -51.16
N VAL B 71 12.36 -25.00 -50.20
CA VAL B 71 11.72 -23.69 -50.09
C VAL B 71 12.83 -22.68 -50.14
N TYR B 72 12.66 -21.70 -51.02
CA TYR B 72 13.73 -20.77 -51.34
C TYR B 72 13.25 -19.35 -51.20
N GLY B 73 14.10 -18.49 -50.67
CA GLY B 73 13.73 -17.09 -50.59
C GLY B 73 14.98 -16.26 -50.68
N ALA B 74 14.82 -15.00 -51.09
CA ALA B 74 15.98 -14.12 -51.14
C ALA B 74 15.52 -12.69 -51.18
N THR B 75 16.36 -11.80 -50.66
CA THR B 75 16.10 -10.38 -50.74
C THR B 75 16.46 -9.86 -52.13
N PRO B 76 15.62 -8.95 -52.66
CA PRO B 76 15.88 -8.33 -53.95
C PRO B 76 17.21 -7.57 -53.91
N PRO B 77 18.00 -7.66 -54.99
CA PRO B 77 19.36 -7.08 -55.04
C PRO B 77 19.32 -5.57 -54.94
N LEU B 78 20.45 -4.97 -54.60
CA LEU B 78 20.53 -3.55 -54.27
C LEU B 78 19.87 -2.60 -55.27
N GLY B 79 19.39 -1.49 -54.73
CA GLY B 79 18.75 -0.45 -55.52
C GLY B 79 17.27 -0.59 -55.78
N HIS B 80 16.94 -1.26 -56.89
CA HIS B 80 15.64 -1.09 -57.52
C HIS B 80 14.44 -1.52 -56.69
N THR B 81 14.30 -2.83 -56.50
CA THR B 81 12.99 -3.41 -56.22
C THR B 81 12.71 -3.80 -54.77
N CYS B 82 12.61 -2.81 -53.88
CA CYS B 82 12.25 -3.04 -52.47
C CYS B 82 10.95 -2.34 -52.09
N ASP B 83 9.83 -2.84 -52.61
CA ASP B 83 8.50 -2.35 -52.24
C ASP B 83 8.30 -2.48 -50.72
N ARG B 84 8.97 -3.48 -50.14
CA ARG B 84 8.84 -3.82 -48.73
C ARG B 84 10.19 -3.65 -48.01
N PRO B 85 10.18 -3.41 -46.68
CA PRO B 85 11.45 -3.25 -45.97
C PRO B 85 12.16 -4.58 -45.82
N PRO B 86 13.49 -4.59 -45.83
CA PRO B 86 14.26 -5.84 -45.96
C PRO B 86 13.92 -6.95 -44.95
N SER B 87 13.47 -6.59 -43.75
CA SER B 87 13.08 -7.59 -42.74
C SER B 87 11.88 -8.41 -43.20
N TRP B 88 10.94 -7.71 -43.83
CA TRP B 88 9.66 -8.25 -44.27
C TRP B 88 9.87 -9.53 -45.08
N TYR B 89 10.98 -9.56 -45.81
CA TYR B 89 11.30 -10.71 -46.65
C TYR B 89 11.61 -11.90 -45.76
N LEU B 90 12.39 -11.66 -44.73
CA LEU B 90 12.73 -12.70 -43.78
C LEU B 90 11.49 -13.21 -43.03
N PHE B 91 10.70 -12.31 -42.48
CA PHE B 91 9.56 -12.79 -41.71
C PHE B 91 8.56 -13.56 -42.59
N GLN B 92 8.28 -13.03 -43.78
CA GLN B 92 7.29 -13.65 -44.66
C GLN B 92 7.80 -15.03 -45.13
N PHE B 93 9.07 -15.04 -45.52
CA PHE B 93 9.75 -16.29 -45.80
C PHE B 93 9.54 -17.28 -44.66
N HIS B 94 10.03 -16.94 -43.46
CA HIS B 94 9.95 -17.81 -42.28
C HIS B 94 8.53 -18.40 -42.07
N ARG B 95 7.53 -17.53 -42.18
CA ARG B 95 6.12 -17.94 -42.07
C ARG B 95 5.70 -19.00 -43.09
N LEU B 96 6.03 -18.75 -44.35
CA LEU B 96 5.53 -19.67 -45.38
C LEU B 96 6.31 -20.96 -45.27
N LEU B 97 7.57 -20.81 -44.86
CA LEU B 97 8.42 -21.96 -44.58
C LEU B 97 7.68 -22.85 -43.59
N GLN B 98 7.26 -22.33 -42.44
CA GLN B 98 6.60 -23.25 -41.51
C GLN B 98 5.36 -23.85 -42.15
N TYR B 99 4.66 -23.08 -43.00
CA TYR B 99 3.51 -23.70 -43.69
C TYR B 99 3.92 -24.89 -44.56
N ALA B 100 5.13 -24.83 -45.12
CA ALA B 100 5.62 -25.86 -46.03
C ALA B 100 6.28 -27.07 -45.37
N ARG B 101 6.67 -26.92 -44.11
CA ARG B 101 7.34 -27.97 -43.32
C ARG B 101 6.53 -29.27 -43.23
N PRO B 102 7.21 -30.43 -43.25
CA PRO B 102 6.49 -31.72 -43.14
C PRO B 102 5.89 -31.92 -41.76
N LYS B 103 4.67 -32.44 -41.65
CA LYS B 103 4.13 -32.66 -40.33
C LYS B 103 5.05 -33.70 -39.68
N PRO B 104 5.14 -33.72 -38.35
CA PRO B 104 5.96 -34.79 -37.80
C PRO B 104 5.13 -36.06 -37.66
N GLY B 105 5.75 -37.23 -37.77
CA GLY B 105 7.12 -37.40 -38.21
C GLY B 105 7.15 -37.98 -39.64
N SER B 106 7.34 -37.09 -40.60
CA SER B 106 7.54 -37.51 -41.96
C SER B 106 9.02 -37.37 -42.28
N PRO B 107 9.70 -38.52 -42.47
CA PRO B 107 11.15 -38.64 -42.68
C PRO B 107 11.62 -38.01 -43.99
N ARG B 108 10.65 -37.67 -44.84
CA ARG B 108 10.86 -37.13 -46.18
C ARG B 108 11.89 -36.01 -46.19
N PRO B 109 12.77 -35.98 -47.20
CA PRO B 109 13.76 -34.90 -47.19
C PRO B 109 13.15 -33.55 -47.49
N PHE B 110 13.54 -32.54 -46.71
CA PHE B 110 13.00 -31.19 -46.80
C PHE B 110 14.11 -30.18 -46.65
N PHE B 111 14.28 -29.32 -47.64
CA PHE B 111 15.36 -28.35 -47.58
C PHE B 111 14.84 -26.92 -47.73
N TRP B 112 15.58 -25.95 -47.20
CA TRP B 112 15.17 -24.59 -47.38
C TRP B 112 16.42 -23.75 -47.49
N MET B 113 16.31 -22.61 -48.16
CA MET B 113 17.40 -21.68 -48.27
C MET B 113 16.86 -20.27 -48.36
N PHE B 114 17.50 -19.34 -47.64
CA PHE B 114 17.20 -17.92 -47.72
C PHE B 114 18.49 -17.19 -47.99
N VAL B 115 18.46 -16.27 -48.94
CA VAL B 115 19.66 -15.62 -49.44
C VAL B 115 19.58 -14.10 -49.38
N ASP B 116 20.49 -13.47 -48.66
CA ASP B 116 20.54 -12.01 -48.70
C ASP B 116 21.50 -11.55 -49.78
N ASN B 117 21.02 -10.70 -50.67
CA ASN B 117 21.89 -10.10 -51.67
C ASN B 117 22.50 -8.81 -51.13
N LEU B 118 23.11 -8.91 -49.94
CA LEU B 118 23.77 -7.80 -49.25
C LEU B 118 22.84 -6.60 -48.98
N VAL B 119 21.60 -6.89 -48.62
CA VAL B 119 20.60 -5.87 -48.40
C VAL B 119 20.26 -5.69 -46.90
N LEU B 120 20.55 -6.71 -46.10
CA LEU B 120 20.26 -6.68 -44.67
C LEU B 120 21.41 -6.05 -43.87
N ASN B 121 21.10 -5.02 -43.11
CA ASN B 121 22.06 -4.38 -42.21
C ASN B 121 22.38 -5.27 -41.01
N LYS B 122 23.14 -4.74 -40.05
CA LYS B 122 23.63 -5.56 -38.95
C LYS B 122 22.49 -6.10 -38.08
N GLU B 123 21.51 -5.25 -37.77
CA GLU B 123 20.38 -5.65 -36.93
C GLU B 123 19.49 -6.64 -37.66
N ASP B 124 19.26 -6.38 -38.94
CA ASP B 124 18.47 -7.29 -39.76
C ASP B 124 19.17 -8.64 -39.86
N LEU B 125 20.50 -8.61 -39.97
CA LEU B 125 21.28 -9.84 -40.00
C LEU B 125 21.15 -10.64 -38.71
N ASP B 126 21.31 -9.95 -37.59
CA ASP B 126 21.11 -10.60 -36.30
C ASP B 126 19.72 -11.27 -36.27
N VAL B 127 18.69 -10.53 -36.69
CA VAL B 127 17.33 -11.03 -36.70
C VAL B 127 17.17 -12.28 -37.59
N ALA B 128 17.74 -12.24 -38.77
CA ALA B 128 17.66 -13.40 -39.66
C ALA B 128 18.32 -14.62 -39.02
N SER B 129 19.52 -14.40 -38.49
CA SER B 129 20.33 -15.50 -37.96
C SER B 129 19.59 -16.13 -36.78
N ARG B 130 18.94 -15.27 -36.01
CA ARG B 130 18.19 -15.70 -34.86
C ARG B 130 16.91 -16.42 -35.23
N PHE B 131 16.22 -15.94 -36.26
CA PHE B 131 14.95 -16.54 -36.70
C PHE B 131 15.13 -17.81 -37.52
N LEU B 132 16.27 -17.90 -38.20
CA LEU B 132 16.58 -19.07 -39.01
C LEU B 132 17.52 -20.02 -38.25
N GLU B 133 17.81 -19.66 -37.01
CA GLU B 133 18.55 -20.51 -36.10
C GLU B 133 19.91 -20.92 -36.64
N MET B 134 20.61 -19.98 -37.29
CA MET B 134 22.02 -20.20 -37.67
C MET B 134 22.73 -18.96 -38.19
N GLU B 135 24.05 -19.02 -38.18
CA GLU B 135 24.86 -18.00 -38.82
C GLU B 135 24.91 -18.25 -40.33
N PRO B 136 24.97 -17.17 -41.14
CA PRO B 136 25.01 -17.33 -42.59
C PRO B 136 26.40 -17.64 -43.14
N VAL B 137 26.45 -18.37 -44.25
CA VAL B 137 27.69 -18.49 -45.01
C VAL B 137 27.77 -17.33 -45.98
N THR B 138 28.91 -16.64 -46.02
CA THR B 138 29.10 -15.59 -47.02
C THR B 138 29.94 -16.08 -48.19
N ILE B 139 29.36 -16.05 -49.39
CA ILE B 139 30.07 -16.47 -50.60
C ILE B 139 30.27 -15.28 -51.57
N PRO B 140 31.53 -15.08 -52.01
CA PRO B 140 31.94 -13.80 -52.59
C PRO B 140 32.06 -13.67 -54.13
N ASP B 141 32.15 -12.40 -54.58
CA ASP B 141 32.33 -12.00 -55.99
C ASP B 141 33.82 -11.83 -56.33
N VAL B 142 34.37 -12.69 -57.18
CA VAL B 142 35.82 -12.64 -57.46
C VAL B 142 36.31 -12.47 -58.92
N HIS B 143 37.09 -11.40 -59.14
CA HIS B 143 37.99 -11.26 -60.30
C HIS B 143 39.06 -10.24 -59.95
N GLY B 144 38.61 -9.02 -59.62
CA GLY B 144 39.44 -8.02 -58.96
C GLY B 144 39.18 -8.05 -57.46
N GLY B 145 37.90 -8.03 -57.09
CA GLY B 145 37.50 -8.08 -55.68
C GLY B 145 36.02 -8.36 -55.47
N VAL B 151 27.56 -12.28 -51.48
CA VAL B 151 26.19 -12.65 -51.11
C VAL B 151 26.11 -13.58 -49.88
N ARG B 152 25.02 -13.50 -49.11
CA ARG B 152 24.85 -14.34 -47.91
C ARG B 152 23.77 -15.42 -48.00
N VAL B 153 24.04 -16.55 -47.36
CA VAL B 153 23.22 -17.75 -47.51
C VAL B 153 22.96 -18.49 -46.19
N TRP B 154 21.68 -18.61 -45.87
CA TRP B 154 21.22 -19.43 -44.74
C TRP B 154 20.53 -20.66 -45.30
N SER B 155 20.95 -21.85 -44.88
CA SER B 155 20.32 -23.05 -45.42
C SER B 155 20.60 -24.31 -44.60
N ASN B 156 19.66 -25.25 -44.66
CA ASN B 156 19.85 -26.58 -44.08
C ASN B 156 20.42 -27.60 -45.05
N ILE B 157 20.68 -27.17 -46.28
CA ILE B 157 21.28 -28.04 -47.28
C ILE B 157 22.76 -28.25 -46.98
N PRO B 158 23.22 -29.52 -46.98
CA PRO B 158 24.58 -29.91 -46.60
C PRO B 158 25.69 -29.28 -47.42
N ALA B 159 26.83 -29.11 -46.77
CA ALA B 159 28.09 -28.69 -47.39
C ALA B 159 28.01 -27.37 -48.17
N ILE B 160 27.15 -26.47 -47.72
CA ILE B 160 27.25 -25.08 -48.13
C ILE B 160 28.44 -24.49 -47.39
N ARG B 161 28.62 -24.95 -46.15
CA ARG B 161 29.70 -24.52 -45.26
C ARG B 161 31.01 -25.24 -45.61
N SER B 162 31.04 -25.88 -46.78
CA SER B 162 32.18 -26.68 -47.23
C SER B 162 33.47 -25.84 -47.33
N ALA B 166 39.00 -16.70 -49.59
CA ALA B 166 37.71 -16.07 -49.44
C ALA B 166 37.62 -15.38 -48.08
N LEU B 167 38.42 -14.33 -47.90
CA LEU B 167 38.55 -13.66 -46.61
C LEU B 167 37.23 -12.98 -46.17
N VAL B 168 36.86 -11.94 -46.91
CA VAL B 168 35.59 -11.22 -46.75
C VAL B 168 35.33 -10.64 -45.34
N SER B 169 36.12 -9.67 -44.92
CA SER B 169 35.82 -8.92 -43.70
C SER B 169 34.52 -8.16 -43.88
N GLU B 170 33.79 -7.91 -42.81
CA GLU B 170 32.51 -7.18 -42.89
C GLU B 170 32.70 -5.78 -43.48
N GLU B 171 33.88 -5.20 -43.26
CA GLU B 171 34.26 -3.92 -43.87
C GLU B 171 34.29 -4.02 -45.40
N GLU B 172 34.86 -5.13 -45.88
CA GLU B 172 34.92 -5.42 -47.31
C GLU B 172 33.53 -5.34 -47.91
N LEU B 173 32.60 -6.10 -47.33
CA LEU B 173 31.23 -6.15 -47.80
C LEU B 173 30.56 -4.81 -47.69
N SER B 174 30.93 -4.06 -46.65
CA SER B 174 30.36 -2.75 -46.43
C SER B 174 30.70 -1.81 -47.59
N LEU B 175 31.98 -1.77 -47.96
CA LEU B 175 32.42 -0.92 -49.08
C LEU B 175 31.87 -1.44 -50.39
N LEU B 176 31.88 -2.76 -50.55
CA LEU B 176 31.36 -3.45 -51.73
C LEU B 176 29.92 -3.02 -51.99
N ALA B 177 29.15 -2.95 -50.91
CA ALA B 177 27.76 -2.49 -50.97
C ALA B 177 27.68 -1.00 -51.30
N GLN B 178 28.40 -0.18 -50.54
CA GLN B 178 28.31 1.27 -50.70
C GLN B 178 28.58 1.68 -52.15
N ASN B 179 29.69 1.21 -52.73
CA ASN B 179 30.06 1.66 -54.07
C ASN B 179 28.99 1.34 -55.11
N LYS B 180 28.50 0.11 -55.07
CA LYS B 180 27.46 -0.32 -55.99
C LYS B 180 26.24 0.58 -55.91
N SER B 182 24.26 2.65 -57.33
CA SER B 182 24.08 3.48 -58.52
C SER B 182 24.15 2.65 -59.81
N SER B 183 25.32 2.05 -60.06
CA SER B 183 25.62 1.34 -61.31
C SER B 183 25.32 2.19 -62.53
N THR B 191 21.81 -13.54 -60.49
CA THR B 191 22.84 -13.12 -59.53
C THR B 191 23.52 -14.34 -58.90
N LYS B 192 23.39 -15.46 -59.59
CA LYS B 192 23.61 -16.83 -59.08
C LYS B 192 25.05 -17.37 -58.89
N LEU B 193 25.73 -16.90 -57.84
CA LEU B 193 26.91 -17.59 -57.31
C LEU B 193 26.44 -18.78 -56.48
N VAL B 194 25.15 -18.80 -56.20
CA VAL B 194 24.53 -19.77 -55.32
C VAL B 194 24.05 -21.04 -56.03
N LYS B 195 24.22 -21.07 -57.36
CA LYS B 195 23.79 -22.20 -58.18
C LYS B 195 24.33 -23.55 -57.68
N ASN B 196 25.60 -23.59 -57.31
CA ASN B 196 26.23 -24.86 -56.93
C ASN B 196 25.75 -25.42 -55.61
N CYS B 197 25.20 -24.54 -54.78
CA CYS B 197 24.79 -24.93 -53.43
C CYS B 197 23.75 -26.05 -53.43
N PHE B 198 22.89 -26.05 -54.45
CA PHE B 198 21.82 -27.02 -54.55
C PHE B 198 22.31 -28.41 -54.93
N LEU B 199 23.63 -28.56 -55.10
CA LEU B 199 24.15 -29.81 -55.65
C LEU B 199 23.80 -31.06 -54.82
N PRO B 200 24.04 -31.03 -53.50
CA PRO B 200 23.72 -32.23 -52.72
C PRO B 200 22.28 -32.75 -52.83
N LEU B 201 21.36 -31.94 -53.35
CA LEU B 201 19.96 -32.36 -53.54
C LEU B 201 19.83 -33.51 -54.55
N ARG B 202 20.92 -33.74 -55.28
CA ARG B 202 20.97 -34.84 -56.24
C ARG B 202 20.99 -36.17 -55.52
N GLU B 203 21.32 -36.14 -54.23
CA GLU B 203 21.28 -37.34 -53.40
C GLU B 203 19.86 -37.93 -53.23
N TYR B 204 18.85 -37.05 -53.25
CA TYR B 204 17.47 -37.46 -52.93
C TYR B 204 16.52 -37.26 -54.09
N PHE B 205 16.95 -36.44 -55.05
CA PHE B 205 16.05 -36.09 -56.14
C PHE B 205 16.55 -36.41 -57.54
N LYS B 206 15.57 -36.70 -58.41
CA LYS B 206 15.76 -37.07 -59.81
C LYS B 206 16.62 -36.10 -60.59
N TYR B 207 17.57 -36.63 -61.37
CA TYR B 207 18.35 -35.85 -62.32
C TYR B 207 17.72 -35.90 -63.71
N PHE B 208 17.81 -34.79 -64.44
CA PHE B 208 17.32 -34.76 -65.80
C PHE B 208 18.46 -34.42 -66.78
N SER B 209 18.38 -35.00 -67.98
CA SER B 209 19.44 -34.93 -69.02
C SER B 209 20.75 -35.50 -68.50
N GLU C 7 4.04 -24.88 37.07
CA GLU C 7 2.89 -25.21 37.90
C GLU C 7 3.35 -25.60 39.30
N PHE C 8 3.84 -24.63 40.04
CA PHE C 8 4.62 -24.90 41.24
C PHE C 8 4.00 -24.48 42.58
N ARG C 9 2.83 -23.86 42.51
CA ARG C 9 2.21 -23.24 43.68
C ARG C 9 1.03 -24.03 44.22
N GLU C 10 0.69 -25.13 43.54
CA GLU C 10 -0.52 -25.88 43.85
C GLU C 10 -0.54 -26.39 45.29
N ARG C 11 0.62 -26.80 45.80
CA ARG C 11 0.64 -27.31 47.16
C ARG C 11 0.64 -26.13 48.14
N LEU C 12 1.20 -25.01 47.70
CA LEU C 12 1.28 -23.85 48.57
C LEU C 12 -0.09 -23.25 48.74
N VAL C 13 -0.84 -23.19 47.65
CA VAL C 13 -2.19 -22.64 47.68
C VAL C 13 -3.10 -23.64 48.39
N TYR C 14 -2.84 -24.93 48.19
CA TYR C 14 -3.53 -25.96 48.94
C TYR C 14 -3.41 -25.68 50.43
N GLU C 15 -2.19 -25.38 50.86
CA GLU C 15 -1.95 -25.06 52.26
C GLU C 15 -2.52 -23.70 52.64
N VAL C 16 -2.74 -22.85 51.63
CA VAL C 16 -3.35 -21.54 51.86
C VAL C 16 -4.81 -21.71 52.25
N ARG C 17 -5.51 -22.60 51.55
CA ARG C 17 -6.92 -22.85 51.86
C ARG C 17 -7.03 -23.81 53.04
N GLN C 18 -5.93 -24.53 53.32
CA GLN C 18 -5.86 -25.40 54.49
C GLN C 18 -5.66 -24.60 55.78
N LYS C 19 -5.71 -23.28 55.67
CA LYS C 19 -5.52 -22.35 56.79
C LYS C 19 -4.17 -22.56 57.52
N CYS C 20 -3.15 -22.98 56.78
CA CYS C 20 -1.79 -23.18 57.30
C CYS C 20 -0.74 -22.18 56.77
N ARG C 21 -1.09 -21.46 55.71
CA ARG C 21 -0.24 -20.44 55.11
C ARG C 21 -1.05 -19.21 54.77
N ASN C 22 -0.51 -18.03 55.05
CA ASN C 22 -1.16 -16.78 54.64
C ASN C 22 -1.02 -16.55 53.13
N ILE C 23 -2.13 -16.23 52.47
CA ILE C 23 -2.08 -15.95 51.04
C ILE C 23 -1.20 -14.71 50.80
N GLU C 24 -1.20 -13.81 51.78
CA GLU C 24 -0.44 -12.59 51.72
C GLU C 24 1.05 -12.87 51.94
N ASP C 25 1.36 -14.11 52.34
CA ASP C 25 2.73 -14.56 52.62
C ASP C 25 3.31 -15.31 51.43
N ILE C 26 2.55 -15.41 50.35
CA ILE C 26 3.03 -16.10 49.16
C ILE C 26 2.94 -15.20 47.94
N CYS C 27 3.82 -15.40 46.97
CA CYS C 27 3.71 -14.66 45.71
C CYS C 27 2.71 -15.36 44.80
N ILE C 28 1.51 -14.79 44.70
CA ILE C 28 0.41 -15.45 44.00
C ILE C 28 0.61 -15.51 42.50
N SER C 29 1.67 -14.88 42.01
CA SER C 29 2.05 -14.95 40.60
C SER C 29 2.85 -16.20 40.24
N CYS C 30 3.94 -16.48 40.97
CA CYS C 30 4.78 -17.62 40.64
C CYS C 30 4.98 -18.59 41.82
N GLY C 31 4.43 -18.23 42.97
CA GLY C 31 4.53 -19.09 44.13
C GLY C 31 5.91 -19.03 44.77
N SER C 32 6.65 -17.96 44.51
CA SER C 32 7.93 -17.74 45.20
C SER C 32 7.66 -17.39 46.66
N LEU C 33 8.60 -17.71 47.54
CA LEU C 33 8.44 -17.37 48.95
C LEU C 33 9.11 -16.01 49.22
N ASN C 34 9.84 -15.51 48.22
CA ASN C 34 10.54 -14.24 48.26
C ASN C 34 9.59 -13.02 48.19
N VAL C 35 8.54 -13.03 49.00
CA VAL C 35 7.55 -11.95 48.98
C VAL C 35 8.16 -10.63 49.46
N THR C 36 8.04 -9.60 48.62
CA THR C 36 8.55 -8.28 48.95
C THR C 36 7.44 -7.26 48.91
N LEU C 37 6.74 -7.25 47.78
CA LEU C 37 5.60 -6.39 47.58
C LEU C 37 4.32 -7.15 47.81
N GLU C 38 3.21 -6.42 47.83
CA GLU C 38 1.89 -7.02 47.74
C GLU C 38 1.43 -6.87 46.29
N HIS C 39 0.68 -7.85 45.79
CA HIS C 39 0.11 -7.76 44.44
C HIS C 39 -0.85 -6.57 44.46
N PRO C 40 -0.70 -5.65 43.50
CA PRO C 40 -1.52 -4.43 43.52
C PRO C 40 -3.00 -4.70 43.26
N LEU C 41 -3.30 -5.72 42.47
CA LEU C 41 -4.67 -5.99 42.08
C LEU C 41 -5.36 -6.96 43.02
N PHE C 42 -4.61 -7.91 43.58
CA PHE C 42 -5.25 -8.92 44.41
C PHE C 42 -4.53 -9.22 45.72
N VAL C 43 -5.19 -10.03 46.54
CA VAL C 43 -4.68 -10.37 47.85
C VAL C 43 -3.61 -11.43 47.75
N GLY C 44 -2.42 -11.07 48.20
CA GLY C 44 -1.30 -11.98 48.15
C GLY C 44 -0.04 -11.17 48.05
N GLY C 45 1.07 -11.87 48.09
CA GLY C 45 2.35 -11.20 48.00
C GLY C 45 2.81 -11.25 46.57
N MET C 46 3.92 -10.58 46.34
CA MET C 46 4.54 -10.58 45.03
C MET C 46 6.05 -10.57 45.22
N CYS C 47 6.74 -11.42 44.46
CA CYS C 47 8.19 -11.36 44.44
C CYS C 47 8.63 -10.30 43.44
N GLN C 48 9.89 -9.90 43.52
CA GLN C 48 10.42 -8.84 42.69
C GLN C 48 10.43 -9.20 41.19
N ASN C 49 10.82 -10.43 40.88
CA ASN C 49 10.86 -10.85 39.48
C ASN C 49 9.51 -10.74 38.77
N CYS C 50 8.46 -11.13 39.48
CA CYS C 50 7.12 -10.98 38.96
C CYS C 50 6.75 -9.52 38.81
N LYS C 51 7.20 -8.67 39.72
CA LYS C 51 6.99 -7.23 39.54
C LYS C 51 7.66 -6.74 38.25
N ASN C 52 8.85 -7.25 37.93
CA ASN C 52 9.54 -6.82 36.71
C ASN C 52 8.72 -7.24 35.49
N CYS C 53 8.33 -8.50 35.51
CA CYS C 53 7.48 -9.04 34.48
C CYS C 53 6.22 -8.18 34.31
N PHE C 54 5.59 -7.82 35.43
CA PHE C 54 4.36 -7.08 35.49
C PHE C 54 4.56 -5.72 34.85
N LEU C 55 5.72 -5.12 35.10
CA LEU C 55 6.08 -3.87 34.44
C LEU C 55 6.13 -4.03 32.91
N GLU C 56 6.90 -4.99 32.40
CA GLU C 56 6.93 -5.22 30.94
C GLU C 56 5.61 -5.60 30.27
N CYS C 57 4.80 -6.40 30.95
CA CYS C 57 3.71 -7.16 30.34
C CYS C 57 2.28 -6.67 30.52
N ALA C 58 1.98 -6.11 31.68
CA ALA C 58 0.60 -5.80 32.05
C ALA C 58 -0.14 -5.09 30.92
N TYR C 59 0.45 -4.00 30.43
CA TYR C 59 -0.14 -3.18 29.39
C TYR C 59 0.28 -3.59 27.97
N GLN C 60 0.49 -4.88 27.74
CA GLN C 60 0.68 -5.38 26.39
C GLN C 60 -0.60 -6.00 25.88
N TYR C 61 -1.07 -5.53 24.74
CA TYR C 61 -2.34 -6.00 24.20
C TYR C 61 -2.09 -6.56 22.82
N ASP C 62 -2.84 -7.60 22.47
CA ASP C 62 -2.74 -8.22 21.15
C ASP C 62 -3.57 -7.47 20.12
N ASP C 63 -3.61 -8.02 18.92
CA ASP C 63 -4.32 -7.40 17.80
C ASP C 63 -5.84 -7.55 17.98
N ASP C 64 -6.25 -8.43 18.89
CA ASP C 64 -7.67 -8.57 19.16
C ASP C 64 -8.15 -7.51 20.12
N GLY C 65 -7.23 -6.71 20.65
CA GLY C 65 -7.54 -5.67 21.61
C GLY C 65 -7.66 -6.17 23.04
N TYR C 66 -7.41 -7.47 23.24
CA TYR C 66 -7.33 -8.02 24.57
C TYR C 66 -5.88 -8.14 25.01
N GLN C 67 -5.67 -8.23 26.33
CA GLN C 67 -4.33 -8.34 26.90
C GLN C 67 -3.57 -9.51 26.29
N SER C 68 -2.26 -9.38 26.17
CA SER C 68 -1.46 -10.44 25.57
C SER C 68 -1.29 -11.59 26.53
N TYR C 69 -1.30 -11.28 27.84
CA TYR C 69 -1.06 -12.26 28.89
C TYR C 69 -1.97 -12.09 30.06
N CYS C 70 -1.94 -13.07 30.97
CA CYS C 70 -2.85 -13.11 32.11
C CYS C 70 -2.74 -11.87 33.02
N THR C 71 -3.87 -11.42 33.57
CA THR C 71 -3.87 -10.21 34.39
C THR C 71 -3.16 -10.43 35.73
N ILE C 72 -3.21 -11.68 36.21
CA ILE C 72 -2.58 -12.08 37.46
C ILE C 72 -1.07 -12.31 37.34
N CYS C 73 -0.71 -13.38 36.65
CA CYS C 73 0.66 -13.87 36.60
C CYS C 73 1.51 -13.21 35.51
N CYS C 74 0.89 -12.39 34.67
CA CYS C 74 1.55 -11.79 33.50
C CYS C 74 2.24 -12.83 32.63
N GLY C 75 1.82 -14.09 32.78
CA GLY C 75 2.20 -15.17 31.88
C GLY C 75 0.96 -15.97 31.48
N GLY C 76 1.04 -17.30 31.59
CA GLY C 76 -0.11 -18.14 31.31
C GLY C 76 -0.15 -18.62 29.87
N ARG C 77 -0.57 -19.86 29.64
CA ARG C 77 -0.54 -20.43 28.29
C ARG C 77 -1.88 -20.30 27.54
N GLU C 78 -2.99 -20.47 28.25
CA GLU C 78 -4.30 -20.26 27.63
C GLU C 78 -5.17 -19.38 28.51
N VAL C 79 -5.69 -18.31 27.95
CA VAL C 79 -6.47 -17.37 28.75
C VAL C 79 -7.94 -17.29 28.37
N LEU C 80 -8.73 -16.79 29.32
CA LEU C 80 -10.13 -16.46 29.13
C LEU C 80 -10.24 -14.95 28.98
N MET C 81 -10.78 -14.51 27.84
CA MET C 81 -10.97 -13.09 27.58
C MET C 81 -12.21 -12.60 28.31
N CYS C 82 -12.35 -11.29 28.46
CA CYS C 82 -13.41 -10.80 29.30
C CYS C 82 -14.57 -10.26 28.47
N GLY C 83 -15.78 -10.67 28.86
CA GLY C 83 -16.96 -10.37 28.10
C GLY C 83 -17.44 -8.95 28.23
N ASN C 84 -17.32 -8.39 29.44
CA ASN C 84 -17.82 -7.04 29.70
C ASN C 84 -17.26 -6.04 28.72
N ASN C 85 -18.07 -5.03 28.41
CA ASN C 85 -17.75 -4.02 27.42
C ASN C 85 -16.59 -3.11 27.84
N ASN C 86 -15.70 -2.83 26.89
CA ASN C 86 -14.55 -1.94 27.07
C ASN C 86 -13.44 -2.51 27.96
N CYS C 87 -13.72 -3.64 28.62
CA CYS C 87 -12.72 -4.31 29.44
C CYS C 87 -11.85 -5.23 28.57
N CYS C 88 -10.54 -5.25 28.83
CA CYS C 88 -9.61 -6.00 27.97
C CYS C 88 -8.80 -7.10 28.65
N ARG C 89 -9.15 -7.44 29.89
CA ARG C 89 -8.30 -8.32 30.66
C ARG C 89 -8.42 -9.79 30.23
N CYS C 90 -7.44 -10.59 30.62
CA CYS C 90 -7.46 -12.03 30.39
C CYS C 90 -7.11 -12.73 31.67
N PHE C 91 -7.57 -13.97 31.83
CA PHE C 91 -7.09 -14.75 32.96
C PHE C 91 -6.73 -16.14 32.47
N CYS C 92 -5.48 -16.56 32.64
CA CYS C 92 -5.09 -17.89 32.20
C CYS C 92 -5.86 -18.95 32.99
N VAL C 93 -6.22 -20.04 32.30
CA VAL C 93 -6.97 -21.14 32.90
C VAL C 93 -6.34 -21.59 34.21
N GLU C 94 -5.02 -21.64 34.19
CA GLU C 94 -4.19 -22.12 35.29
C GLU C 94 -4.34 -21.30 36.57
N CYS C 95 -4.29 -19.97 36.48
CA CYS C 95 -4.50 -19.12 37.64
C CYS C 95 -5.84 -19.42 38.31
N VAL C 96 -6.86 -19.50 37.47
CA VAL C 96 -8.23 -19.68 37.91
C VAL C 96 -8.44 -21.03 38.59
N ASP C 97 -7.82 -22.07 38.01
CA ASP C 97 -7.92 -23.43 38.53
C ASP C 97 -7.12 -23.60 39.83
N LEU C 98 -6.69 -22.49 40.42
CA LEU C 98 -6.07 -22.47 41.73
C LEU C 98 -6.79 -21.53 42.68
N LEU C 99 -6.72 -20.23 42.38
CA LEU C 99 -7.16 -19.20 43.35
C LEU C 99 -8.67 -19.12 43.56
N VAL C 100 -9.42 -19.47 42.52
CA VAL C 100 -10.87 -19.50 42.57
C VAL C 100 -11.37 -20.84 43.09
N GLY C 101 -10.95 -21.89 42.40
CA GLY C 101 -11.34 -23.26 42.71
C GLY C 101 -10.97 -24.11 41.50
N PRO C 102 -10.99 -25.45 41.66
CA PRO C 102 -10.72 -26.32 40.51
C PRO C 102 -11.95 -26.37 39.59
N GLY C 103 -11.73 -26.41 38.28
CA GLY C 103 -12.81 -26.44 37.31
C GLY C 103 -13.58 -25.13 37.17
N ALA C 104 -13.17 -24.08 37.88
CA ALA C 104 -13.79 -22.77 37.74
C ALA C 104 -13.55 -22.20 36.33
N ALA C 105 -12.41 -22.57 35.76
CA ALA C 105 -12.00 -22.09 34.44
C ALA C 105 -12.97 -22.58 33.37
N GLN C 106 -13.21 -23.88 33.30
CA GLN C 106 -14.14 -24.41 32.30
C GLN C 106 -15.56 -23.86 32.53
N ALA C 107 -15.87 -23.53 33.78
CA ALA C 107 -17.16 -22.95 34.13
C ALA C 107 -17.29 -21.55 33.52
N ALA C 108 -16.19 -20.81 33.49
CA ALA C 108 -16.21 -19.52 32.82
C ALA C 108 -16.17 -19.69 31.30
N ILE C 109 -15.46 -20.72 30.83
CA ILE C 109 -15.36 -21.02 29.41
C ILE C 109 -16.75 -21.29 28.83
N LYS C 110 -17.54 -22.06 29.58
CA LYS C 110 -18.85 -22.48 29.12
C LYS C 110 -19.91 -21.41 29.40
N GLU C 111 -19.57 -20.42 30.22
CA GLU C 111 -20.51 -19.37 30.58
C GLU C 111 -20.49 -18.24 29.56
N ASP C 112 -21.41 -18.28 28.59
CA ASP C 112 -21.29 -17.41 27.41
C ASP C 112 -21.26 -15.91 27.74
N PRO C 113 -22.19 -15.42 28.57
CA PRO C 113 -21.95 -14.05 29.02
C PRO C 113 -21.09 -14.02 30.29
N TRP C 114 -19.77 -13.88 30.15
CA TRP C 114 -18.87 -13.95 31.31
C TRP C 114 -18.23 -12.64 31.73
N ASN C 115 -18.18 -12.44 33.04
CA ASN C 115 -17.55 -11.28 33.64
C ASN C 115 -16.24 -11.65 34.37
N CYS C 116 -15.18 -10.89 34.12
CA CYS C 116 -13.91 -11.10 34.79
C CYS C 116 -13.94 -10.54 36.20
N TYR C 117 -12.98 -10.96 37.01
CA TYR C 117 -12.98 -10.71 38.45
C TYR C 117 -12.64 -9.28 38.81
N MET C 118 -12.06 -8.56 37.86
CA MET C 118 -11.89 -7.13 38.01
C MET C 118 -13.24 -6.42 37.81
N CYS C 119 -14.21 -7.17 37.30
CA CYS C 119 -15.49 -6.57 36.92
C CYS C 119 -16.65 -6.97 37.82
N GLY C 120 -16.84 -8.27 38.05
CA GLY C 120 -17.96 -8.79 38.83
C GLY C 120 -18.23 -8.03 40.11
N HIS C 121 -19.52 -7.79 40.41
CA HIS C 121 -19.91 -6.85 41.46
C HIS C 121 -19.19 -7.06 42.81
N LYS C 122 -19.23 -8.28 43.33
CA LYS C 122 -18.59 -8.60 44.61
C LYS C 122 -17.13 -8.98 44.35
N GLY C 123 -16.31 -8.98 45.40
CA GLY C 123 -14.89 -9.26 45.25
C GLY C 123 -14.40 -10.66 45.60
N THR C 124 -15.26 -11.48 46.20
CA THR C 124 -14.84 -12.84 46.55
C THR C 124 -14.98 -13.76 45.38
N TYR C 125 -13.91 -14.49 45.09
CA TYR C 125 -13.95 -15.45 44.00
C TYR C 125 -13.03 -16.60 44.36
N GLY C 126 -13.24 -17.17 45.54
CA GLY C 126 -12.35 -18.18 46.06
C GLY C 126 -11.49 -17.52 47.12
N LEU C 127 -10.23 -17.90 47.18
CA LEU C 127 -9.27 -17.22 48.06
C LEU C 127 -8.80 -15.95 47.36
N LEU C 128 -9.26 -15.77 46.13
CA LEU C 128 -8.91 -14.62 45.33
C LEU C 128 -9.87 -13.47 45.63
N ARG C 129 -9.32 -12.34 46.05
CA ARG C 129 -10.12 -11.19 46.41
C ARG C 129 -9.54 -9.89 45.86
N ARG C 130 -10.40 -9.04 45.31
CA ARG C 130 -9.96 -7.79 44.69
C ARG C 130 -9.67 -6.74 45.76
N ARG C 131 -8.56 -6.04 45.58
CA ARG C 131 -8.18 -5.00 46.55
C ARG C 131 -8.94 -3.71 46.31
N GLU C 132 -9.34 -3.04 47.40
CA GLU C 132 -10.11 -1.80 47.27
C GLU C 132 -9.26 -0.58 46.90
N ASP C 133 -8.01 -0.54 47.33
CA ASP C 133 -7.18 0.62 47.06
C ASP C 133 -6.30 0.43 45.81
N TRP C 134 -6.63 -0.58 45.02
CA TRP C 134 -5.76 -1.02 43.92
C TRP C 134 -5.34 0.00 42.85
N PRO C 135 -6.20 0.99 42.54
CA PRO C 135 -5.71 2.01 41.61
C PRO C 135 -4.45 2.74 42.09
N SER C 136 -4.41 3.06 43.40
CA SER C 136 -3.28 3.79 43.99
C SER C 136 -2.01 2.92 44.09
N ARG C 137 -2.23 1.63 44.34
CA ARG C 137 -1.15 0.65 44.43
C ARG C 137 -0.57 0.41 43.04
N LEU C 138 -1.48 0.41 42.06
CA LEU C 138 -1.12 0.29 40.67
C LEU C 138 -0.27 1.49 40.30
N GLN C 139 -0.77 2.65 40.74
CA GLN C 139 -0.12 3.92 40.52
C GLN C 139 1.32 3.89 41.01
N MET C 140 1.50 3.45 42.25
CA MET C 140 2.82 3.44 42.87
C MET C 140 3.75 2.42 42.23
N PHE C 141 3.17 1.27 41.89
CA PHE C 141 3.87 0.16 41.24
C PHE C 141 4.65 0.66 40.02
N PHE C 142 3.98 1.49 39.24
CA PHE C 142 4.62 2.14 38.10
C PHE C 142 5.18 3.50 38.57
N ALA C 143 6.49 3.49 38.82
CA ALA C 143 7.20 4.67 39.30
C ALA C 143 8.67 4.64 38.86
N PRO C 153 2.30 16.21 41.72
CA PRO C 153 1.67 14.90 41.54
C PRO C 153 0.15 14.93 41.69
N LYS C 154 -0.56 14.85 40.56
CA LYS C 154 -2.01 14.58 40.56
C LYS C 154 -2.23 13.33 39.73
N VAL C 155 -2.76 12.29 40.36
CA VAL C 155 -2.93 11.02 39.67
C VAL C 155 -4.37 10.50 39.67
N TYR C 156 -4.81 10.08 38.49
CA TYR C 156 -6.17 9.66 38.22
C TYR C 156 -6.34 8.16 38.35
N PRO C 157 -7.40 7.74 39.06
CA PRO C 157 -7.66 6.31 39.16
C PRO C 157 -8.28 5.78 37.88
N PRO C 158 -7.97 4.53 37.52
CA PRO C 158 -8.56 3.83 36.36
C PRO C 158 -10.09 3.75 36.45
N VAL C 159 -10.74 4.10 35.33
CA VAL C 159 -12.20 4.14 35.21
C VAL C 159 -12.79 2.74 35.05
N PRO C 160 -13.83 2.41 35.83
CA PRO C 160 -14.46 1.08 35.73
C PRO C 160 -14.95 0.81 34.31
N ALA C 161 -14.97 -0.46 33.88
CA ALA C 161 -15.07 -0.76 32.45
C ALA C 161 -16.32 -0.20 31.77
N GLU C 162 -17.46 -0.27 32.46
CA GLU C 162 -18.74 0.20 31.93
C GLU C 162 -18.84 1.72 31.78
N LYS C 163 -18.09 2.49 32.57
CA LYS C 163 -18.19 3.95 32.49
C LYS C 163 -17.32 4.56 31.38
N ARG C 164 -16.34 3.80 30.88
CA ARG C 164 -15.37 4.32 29.89
C ARG C 164 -16.02 4.87 28.61
N LYS C 165 -15.45 5.93 28.05
CA LYS C 165 -16.02 6.57 26.85
C LYS C 165 -14.91 6.83 25.81
N PRO C 166 -15.29 7.18 24.58
CA PRO C 166 -14.28 7.50 23.56
C PRO C 166 -13.39 8.67 23.93
N ILE C 167 -12.12 8.55 23.57
CA ILE C 167 -11.12 9.52 23.97
C ILE C 167 -11.28 10.76 23.10
N ARG C 168 -11.04 11.94 23.65
CA ARG C 168 -11.02 13.17 22.85
C ARG C 168 -9.60 13.72 22.75
N VAL C 169 -9.14 13.98 21.53
CA VAL C 169 -7.72 14.26 21.34
C VAL C 169 -7.35 15.56 20.64
N LEU C 170 -6.49 16.32 21.30
CA LEU C 170 -5.87 17.46 20.66
C LEU C 170 -4.44 17.02 20.34
N SER C 171 -4.04 17.21 19.09
CA SER C 171 -2.76 16.75 18.58
C SER C 171 -2.10 17.89 17.84
N LEU C 172 -1.05 18.46 18.42
CA LEU C 172 -0.41 19.62 17.84
C LEU C 172 0.81 19.16 17.08
N PHE C 173 1.11 19.84 15.98
CA PHE C 173 2.19 19.42 15.07
C PHE C 173 2.01 17.95 14.73
N ASP C 174 0.84 17.61 14.16
CA ASP C 174 0.36 16.23 14.08
C ASP C 174 1.18 15.37 13.12
N GLY C 175 1.85 16.02 12.18
CA GLY C 175 2.64 15.33 11.16
C GLY C 175 1.78 14.43 10.31
N ILE C 176 2.14 13.16 10.23
CA ILE C 176 1.42 12.24 9.37
C ILE C 176 0.46 11.40 10.21
N ALA C 177 -0.05 12.01 11.28
CA ALA C 177 -1.13 11.44 12.08
C ALA C 177 -0.81 10.12 12.78
N THR C 178 0.46 9.98 13.21
CA THR C 178 0.92 8.78 13.92
C THR C 178 0.05 8.51 15.15
N GLY C 179 -0.38 9.58 15.79
CA GLY C 179 -1.11 9.50 17.03
C GLY C 179 -2.36 8.68 16.80
N LEU C 180 -3.11 9.12 15.81
CA LEU C 180 -4.42 8.53 15.49
C LEU C 180 -4.24 7.08 15.10
N LEU C 181 -3.25 6.84 14.25
CA LEU C 181 -2.92 5.49 13.82
C LEU C 181 -2.74 4.56 15.02
N VAL C 182 -1.92 4.97 15.98
CA VAL C 182 -1.65 4.11 17.12
C VAL C 182 -2.91 3.87 17.97
N LEU C 183 -3.68 4.94 18.17
CA LEU C 183 -4.89 4.80 18.97
C LEU C 183 -5.83 3.80 18.31
N LYS C 184 -5.93 3.88 16.98
CA LYS C 184 -6.69 2.89 16.23
C LYS C 184 -6.13 1.48 16.46
N ASP C 185 -4.84 1.27 16.14
CA ASP C 185 -4.17 -0.02 16.33
C ASP C 185 -4.40 -0.61 17.73
N LEU C 186 -4.63 0.24 18.71
CA LEU C 186 -4.88 -0.24 20.06
C LEU C 186 -6.35 -0.44 20.28
N GLY C 187 -7.16 0.00 19.32
CA GLY C 187 -8.59 -0.23 19.41
C GLY C 187 -9.23 0.62 20.47
N ILE C 188 -8.71 1.83 20.63
CA ILE C 188 -9.30 2.81 21.51
C ILE C 188 -10.28 3.63 20.70
N GLN C 189 -11.53 3.71 21.17
CA GLN C 189 -12.53 4.47 20.47
C GLN C 189 -12.20 5.95 20.51
N VAL C 190 -12.17 6.61 19.36
CA VAL C 190 -11.80 8.01 19.28
C VAL C 190 -12.97 8.96 18.92
N ASP C 191 -13.51 9.69 19.91
CA ASP C 191 -14.57 10.67 19.66
C ASP C 191 -14.18 11.78 18.70
N ARG C 192 -12.99 12.36 18.87
CA ARG C 192 -12.54 13.54 18.11
C ARG C 192 -11.04 13.50 18.00
N TYR C 193 -10.51 14.11 16.97
CA TYR C 193 -9.07 14.17 16.80
C TYR C 193 -8.76 15.46 16.09
N ILE C 194 -8.66 16.54 16.86
CA ILE C 194 -8.39 17.85 16.27
C ILE C 194 -6.88 17.89 16.14
N ALA C 195 -6.38 18.40 15.03
CA ALA C 195 -4.94 18.37 14.81
C ALA C 195 -4.46 19.64 14.18
N SER C 196 -3.42 20.24 14.76
CA SER C 196 -2.84 21.41 14.13
C SER C 196 -1.70 20.97 13.24
N GLU C 197 -1.64 21.51 12.02
CA GLU C 197 -0.58 21.21 11.05
C GLU C 197 -0.57 22.29 9.98
N VAL C 198 0.55 22.46 9.28
CA VAL C 198 0.59 23.48 8.24
C VAL C 198 1.19 22.96 6.95
N CYS C 199 1.74 21.76 7.00
CA CYS C 199 2.40 21.15 5.85
C CYS C 199 1.39 20.39 5.02
N GLU C 200 1.25 20.78 3.76
CA GLU C 200 0.18 20.21 2.95
C GLU C 200 0.33 18.71 2.77
N ASP C 201 1.55 18.24 2.50
CA ASP C 201 1.80 16.81 2.28
C ASP C 201 1.34 15.96 3.49
N SER C 202 1.68 16.41 4.68
CA SER C 202 1.34 15.67 5.89
C SER C 202 -0.18 15.67 6.12
N ILE C 203 -0.80 16.84 5.93
CA ILE C 203 -2.25 16.96 6.10
C ILE C 203 -2.92 15.96 5.20
N THR C 204 -2.45 15.96 3.95
CA THR C 204 -2.92 15.01 2.95
C THR C 204 -2.84 13.56 3.46
N VAL C 205 -1.64 13.15 3.89
CA VAL C 205 -1.47 11.80 4.41
C VAL C 205 -2.54 11.50 5.42
N GLY C 206 -2.78 12.47 6.32
CA GLY C 206 -3.71 12.22 7.41
C GLY C 206 -5.14 12.05 6.94
N MET C 207 -5.57 13.02 6.12
CA MET C 207 -6.88 13.03 5.46
C MET C 207 -7.19 11.68 4.82
N VAL C 208 -6.29 11.27 3.93
CA VAL C 208 -6.49 10.03 3.21
C VAL C 208 -6.53 8.83 4.18
N ARG C 209 -5.48 8.70 5.00
CA ARG C 209 -5.30 7.54 5.83
C ARG C 209 -6.38 7.32 6.88
N HIS C 210 -7.02 8.40 7.34
CA HIS C 210 -8.02 8.21 8.39
C HIS C 210 -9.44 8.61 7.97
N GLN C 211 -9.59 8.83 6.65
CA GLN C 211 -10.87 8.84 5.97
C GLN C 211 -11.72 10.06 6.31
N GLY C 212 -11.06 11.21 6.37
CA GLY C 212 -11.71 12.48 6.66
C GLY C 212 -11.97 12.83 8.13
N LYS C 213 -11.82 11.85 9.02
CA LYS C 213 -12.11 12.05 10.44
C LYS C 213 -11.35 13.19 11.19
N ILE C 214 -10.16 13.56 10.73
CA ILE C 214 -9.40 14.51 11.52
C ILE C 214 -9.91 15.91 11.29
N MET C 215 -10.23 16.64 12.37
CA MET C 215 -10.54 18.04 12.20
C MET C 215 -9.21 18.82 12.10
N TYR C 216 -8.82 19.20 10.90
CA TYR C 216 -7.60 20.00 10.78
C TYR C 216 -7.85 21.47 11.02
N VAL C 217 -7.15 22.01 11.99
CA VAL C 217 -6.97 23.45 12.10
C VAL C 217 -5.64 23.80 11.46
N GLY C 218 -5.30 25.07 11.36
CA GLY C 218 -4.05 25.40 10.71
C GLY C 218 -2.90 25.50 11.70
N ASP C 219 -2.10 26.54 11.49
CA ASP C 219 -1.04 26.96 12.40
C ASP C 219 -1.46 26.89 13.88
N VAL C 220 -0.59 26.32 14.71
CA VAL C 220 -0.87 26.15 16.12
C VAL C 220 -0.99 27.53 16.77
N ARG C 221 -0.43 28.51 16.09
CA ARG C 221 -0.47 29.86 16.60
C ARG C 221 -1.82 30.56 16.35
N SER C 222 -2.74 29.88 15.69
CA SER C 222 -4.07 30.44 15.46
C SER C 222 -5.08 29.86 16.42
N VAL C 223 -4.63 28.91 17.22
CA VAL C 223 -5.50 28.27 18.17
C VAL C 223 -5.55 29.06 19.49
N THR C 224 -6.73 29.58 19.78
CA THR C 224 -6.98 30.43 20.93
C THR C 224 -7.56 29.62 22.08
N GLN C 225 -7.60 30.19 23.28
CA GLN C 225 -8.20 29.50 24.42
C GLN C 225 -9.71 29.28 24.20
N LYS C 226 -10.32 30.23 23.48
CA LYS C 226 -11.74 30.19 23.15
C LYS C 226 -11.96 28.96 22.28
N HIS C 227 -11.17 28.87 21.20
CA HIS C 227 -11.09 27.68 20.37
C HIS C 227 -10.93 26.40 21.19
N ILE C 228 -9.96 26.39 22.11
CA ILE C 228 -9.73 25.18 22.87
C ILE C 228 -11.00 24.78 23.61
N GLN C 229 -11.73 25.79 24.09
CA GLN C 229 -12.92 25.58 24.90
C GLN C 229 -14.08 25.06 24.08
N GLU C 230 -14.27 25.66 22.90
CA GLU C 230 -15.36 25.29 22.04
C GLU C 230 -15.06 24.05 21.22
N TRP C 231 -13.79 23.64 21.14
CA TRP C 231 -13.47 22.37 20.49
C TRP C 231 -13.64 21.23 21.49
N GLY C 232 -14.30 21.57 22.60
CA GLY C 232 -14.92 20.61 23.51
C GLY C 232 -13.84 20.00 24.33
N PRO C 233 -14.17 19.50 25.52
CA PRO C 233 -13.15 18.97 26.44
C PRO C 233 -12.22 17.98 25.74
N PHE C 234 -10.93 18.02 26.09
CA PHE C 234 -9.98 17.05 25.57
C PHE C 234 -9.53 16.09 26.63
N ASP C 235 -9.32 14.85 26.25
CA ASP C 235 -8.84 13.86 27.20
C ASP C 235 -7.34 13.66 27.06
N LEU C 236 -6.80 14.05 25.90
CA LEU C 236 -5.42 13.78 25.61
C LEU C 236 -4.82 14.85 24.71
N VAL C 237 -3.75 15.52 25.16
CA VAL C 237 -3.05 16.48 24.31
C VAL C 237 -1.62 16.00 23.98
N ILE C 238 -1.26 15.96 22.70
CA ILE C 238 0.03 15.38 22.31
C ILE C 238 0.74 16.21 21.26
N GLY C 239 2.06 16.05 21.17
CA GLY C 239 2.78 16.75 20.14
C GLY C 239 4.28 16.82 20.23
N GLY C 240 4.90 17.02 19.07
CA GLY C 240 6.32 17.24 19.05
C GLY C 240 6.62 18.35 18.09
N SER C 241 7.04 19.48 18.64
CA SER C 241 7.38 20.63 17.85
C SER C 241 8.62 20.35 16.99
N PRO C 242 8.85 21.17 15.94
CA PRO C 242 10.05 21.06 15.12
C PRO C 242 11.33 21.07 15.96
N CYS C 243 12.28 20.23 15.59
CA CYS C 243 13.49 20.07 16.41
C CYS C 243 14.71 20.76 15.80
N ASN C 244 14.58 21.24 14.58
CA ASN C 244 15.75 21.78 13.90
C ASN C 244 16.47 22.88 14.64
N ASP C 245 15.75 23.80 15.25
CA ASP C 245 16.43 24.91 15.87
C ASP C 245 16.79 24.57 17.30
N LEU C 246 16.43 23.37 17.70
CA LEU C 246 16.75 22.88 19.03
C LEU C 246 17.93 21.97 18.96
N SER C 247 17.95 21.13 17.94
CA SER C 247 18.99 20.12 17.79
C SER C 247 20.37 20.78 17.77
N ILE C 248 21.26 20.26 18.61
CA ILE C 248 22.53 20.93 18.92
C ILE C 248 23.59 20.76 17.84
N VAL C 249 23.44 19.70 17.04
CA VAL C 249 24.36 19.41 15.96
C VAL C 249 24.12 20.31 14.74
N ASN C 250 23.14 21.19 14.85
CA ASN C 250 22.84 22.10 13.77
C ASN C 250 23.54 23.43 13.99
N PRO C 251 24.51 23.74 13.12
CA PRO C 251 25.30 24.97 13.20
C PRO C 251 24.40 26.19 13.23
N ALA C 252 23.25 26.07 12.57
CA ALA C 252 22.37 27.20 12.32
C ALA C 252 21.30 27.39 13.40
N ARG C 253 21.37 26.58 14.46
CA ARG C 253 20.41 26.61 15.57
C ARG C 253 19.92 28.01 15.93
N LYS C 254 18.62 28.16 16.20
CA LYS C 254 18.12 29.44 16.68
C LYS C 254 17.68 29.30 18.15
N GLY C 255 17.60 28.06 18.61
CA GLY C 255 17.32 27.76 20.02
C GLY C 255 15.86 27.90 20.39
N LEU C 256 15.51 27.39 21.57
CA LEU C 256 14.13 27.39 22.09
C LEU C 256 13.36 28.72 21.90
N TYR C 257 14.04 29.86 21.83
CA TYR C 257 13.33 31.12 21.91
C TYR C 257 13.23 31.82 20.56
N GLU C 258 13.79 31.19 19.53
CA GLU C 258 13.71 31.76 18.20
C GLU C 258 13.36 30.68 17.19
N GLY C 259 13.44 31.04 15.91
CA GLY C 259 13.16 30.10 14.84
C GLY C 259 11.86 29.36 15.09
N THR C 260 11.87 28.07 14.85
CA THR C 260 10.72 27.24 15.10
C THR C 260 10.84 26.70 16.50
N GLY C 261 11.88 27.14 17.19
CA GLY C 261 12.16 26.59 18.50
C GLY C 261 11.03 26.97 19.44
N ARG C 262 10.58 28.22 19.25
CA ARG C 262 9.56 28.79 20.11
C ARG C 262 8.20 28.15 19.91
N LEU C 263 8.04 27.36 18.85
CA LEU C 263 6.78 26.64 18.70
C LEU C 263 6.57 25.74 19.91
N PHE C 264 7.65 25.37 20.60
CA PHE C 264 7.47 24.60 21.82
C PHE C 264 6.44 25.29 22.73
N PHE C 265 6.58 26.61 22.84
CA PHE C 265 5.80 27.38 23.80
C PHE C 265 4.32 27.34 23.44
N GLU C 266 4.02 27.27 22.14
CA GLU C 266 2.62 27.06 21.74
C GLU C 266 2.04 25.76 22.37
N PHE C 267 2.78 24.66 22.30
CA PHE C 267 2.33 23.47 23.01
C PHE C 267 2.05 23.83 24.45
N TYR C 268 3.04 24.46 25.09
CA TYR C 268 2.93 24.88 26.48
C TYR C 268 1.66 25.73 26.74
N ARG C 269 1.37 26.64 25.83
CA ARG C 269 0.15 27.42 25.94
C ARG C 269 -1.08 26.52 25.88
N LEU C 270 -1.21 25.77 24.80
CA LEU C 270 -2.46 25.08 24.53
C LEU C 270 -2.75 23.97 25.55
N LEU C 271 -1.68 23.34 26.04
CA LEU C 271 -1.81 22.33 27.08
C LEU C 271 -2.51 22.99 28.25
N HIS C 272 -2.06 24.20 28.57
CA HIS C 272 -2.60 24.94 29.71
C HIS C 272 -4.07 25.19 29.51
N ASP C 273 -4.39 25.62 28.29
CA ASP C 273 -5.74 25.95 27.94
C ASP C 273 -6.63 24.72 28.00
N ALA C 274 -6.07 23.55 27.69
CA ALA C 274 -6.87 22.35 27.52
C ALA C 274 -7.02 21.63 28.85
N ARG C 275 -6.26 22.07 29.81
CA ARG C 275 -6.17 21.35 31.06
C ARG C 275 -7.37 21.62 31.92
N PRO C 276 -7.86 20.58 32.60
CA PRO C 276 -8.94 20.71 33.60
C PRO C 276 -8.54 21.63 34.76
N LYS C 277 -9.51 22.38 35.30
CA LYS C 277 -9.25 23.18 36.49
C LYS C 277 -9.03 22.30 37.69
N GLU C 278 -8.35 22.79 38.72
CA GLU C 278 -8.18 22.03 39.94
C GLU C 278 -9.59 21.81 40.48
N GLY C 279 -9.82 20.64 41.05
CA GLY C 279 -11.16 20.34 41.55
C GLY C 279 -11.96 19.58 40.53
N ASP C 280 -11.58 19.68 39.25
CA ASP C 280 -12.11 18.80 38.21
C ASP C 280 -11.19 17.57 38.06
N ASP C 281 -11.58 16.44 38.63
CA ASP C 281 -10.67 15.29 38.62
C ASP C 281 -10.81 14.37 37.41
N ARG C 282 -11.40 14.84 36.32
CA ARG C 282 -11.48 13.97 35.16
C ARG C 282 -10.09 13.60 34.64
N PRO C 283 -9.92 12.35 34.19
CA PRO C 283 -8.63 11.90 33.67
C PRO C 283 -8.19 12.80 32.54
N PHE C 284 -6.90 13.11 32.49
CA PHE C 284 -6.35 14.00 31.48
C PHE C 284 -4.91 13.57 31.31
N PHE C 285 -4.44 13.57 30.07
CA PHE C 285 -3.13 13.08 29.76
C PHE C 285 -2.48 13.94 28.70
N TRP C 286 -1.16 14.03 28.74
CA TRP C 286 -0.45 14.86 27.78
C TRP C 286 0.92 14.25 27.47
N LEU C 287 1.42 14.52 26.27
CA LEU C 287 2.67 13.96 25.85
C LEU C 287 3.36 14.92 24.92
N PHE C 288 4.54 15.35 25.31
CA PHE C 288 5.31 16.20 24.43
C PHE C 288 6.61 15.50 24.16
N GLU C 289 7.04 15.52 22.90
CA GLU C 289 8.23 14.79 22.52
C GLU C 289 9.20 15.76 21.86
N ASN C 290 10.49 15.47 21.99
CA ASN C 290 11.47 16.17 21.18
C ASN C 290 12.78 15.39 21.19
N VAL C 291 13.78 15.91 20.48
CA VAL C 291 15.07 15.23 20.33
C VAL C 291 15.92 15.29 21.58
N VAL C 292 16.65 14.20 21.85
CA VAL C 292 17.53 14.16 23.02
C VAL C 292 18.80 15.02 22.80
N ALA C 293 19.18 15.16 21.54
CA ALA C 293 20.33 15.99 21.16
C ALA C 293 20.10 17.52 21.21
N MET C 294 19.50 18.03 22.28
CA MET C 294 19.30 19.48 22.35
C MET C 294 20.30 20.13 23.30
N GLY C 295 20.25 21.46 23.42
CA GLY C 295 21.08 22.14 24.39
C GLY C 295 20.73 21.74 25.82
N VAL C 296 21.45 22.24 26.81
CA VAL C 296 21.18 21.81 28.18
C VAL C 296 20.18 22.74 28.83
N SER C 297 20.39 24.04 28.62
CA SER C 297 19.44 25.03 29.06
C SER C 297 18.11 24.89 28.32
N ASP C 298 18.16 24.44 27.06
CA ASP C 298 16.93 24.20 26.31
C ASP C 298 16.13 23.12 27.04
N LYS C 299 16.76 21.98 27.29
CA LYS C 299 16.06 20.87 27.91
C LYS C 299 15.55 21.27 29.29
N ARG C 300 16.34 22.07 29.99
CA ARG C 300 15.92 22.48 31.31
C ARG C 300 14.69 23.39 31.22
N ASP C 301 14.71 24.35 30.29
CA ASP C 301 13.62 25.30 30.15
C ASP C 301 12.32 24.63 29.73
N ILE C 302 12.43 23.62 28.88
CA ILE C 302 11.27 22.82 28.54
C ILE C 302 10.78 22.16 29.82
N SER C 303 11.67 21.52 30.58
CA SER C 303 11.23 20.79 31.78
C SER C 303 10.56 21.71 32.81
N ARG C 304 11.06 22.94 32.86
CA ARG C 304 10.63 24.01 33.72
C ARG C 304 9.22 24.40 33.34
N PHE C 305 8.99 24.58 32.05
CA PHE C 305 7.70 25.02 31.55
C PHE C 305 6.61 23.93 31.59
N LEU C 306 6.98 22.67 31.36
CA LEU C 306 6.01 21.59 31.45
C LEU C 306 6.01 21.03 32.87
N GLU C 307 6.83 21.63 33.74
CA GLU C 307 6.93 21.25 35.15
C GLU C 307 7.20 19.78 35.33
N SER C 308 7.96 19.19 34.41
CA SER C 308 8.32 17.79 34.57
C SER C 308 9.63 17.43 33.86
N ASN C 309 10.16 16.26 34.18
CA ASN C 309 11.35 15.77 33.46
C ASN C 309 11.03 14.69 32.45
N PRO C 310 11.74 14.69 31.31
CA PRO C 310 11.51 13.73 30.22
C PRO C 310 11.91 12.33 30.57
N VAL C 311 11.26 11.35 29.96
CA VAL C 311 11.83 10.02 29.91
C VAL C 311 12.58 9.90 28.58
N MET C 312 13.71 9.22 28.56
CA MET C 312 14.32 8.96 27.27
C MET C 312 13.97 7.58 26.78
N ILE C 313 13.51 7.51 25.53
CA ILE C 313 13.24 6.24 24.87
C ILE C 313 13.88 6.15 23.50
N ASP C 314 14.56 5.03 23.24
CA ASP C 314 15.20 4.78 21.94
C ASP C 314 14.41 3.70 21.23
N ALA C 315 14.08 3.97 19.98
CA ALA C 315 13.28 3.06 19.17
C ALA C 315 13.97 1.71 18.98
N LYS C 316 15.30 1.75 18.92
CA LYS C 316 16.12 0.57 18.66
C LYS C 316 15.65 -0.58 19.50
N GLU C 317 15.12 -0.27 20.67
CA GLU C 317 14.77 -1.33 21.57
C GLU C 317 13.68 -2.14 20.96
N VAL C 318 12.95 -1.54 20.02
CA VAL C 318 11.67 -2.10 19.62
C VAL C 318 11.42 -1.90 18.11
N SER C 319 12.32 -1.19 17.44
CA SER C 319 12.28 -0.98 16.00
C SER C 319 13.66 -1.26 15.39
N ALA C 320 13.95 -0.77 14.20
CA ALA C 320 15.24 -1.11 13.57
C ALA C 320 16.01 0.14 13.28
N ALA C 321 15.71 1.15 14.09
CA ALA C 321 16.37 2.42 13.96
C ALA C 321 16.98 2.89 15.27
N HIS C 322 18.12 3.54 15.18
CA HIS C 322 18.62 4.28 16.31
C HIS C 322 17.86 5.57 16.30
N ARG C 323 16.92 5.70 17.22
CA ARG C 323 16.14 6.92 17.36
C ARG C 323 15.91 7.19 18.85
N ALA C 324 16.74 8.05 19.43
CA ALA C 324 16.66 8.38 20.84
C ALA C 324 15.90 9.68 21.01
N ARG C 325 14.83 9.63 21.79
CA ARG C 325 13.94 10.78 21.97
C ARG C 325 13.52 11.00 23.42
N TYR C 326 13.35 12.27 23.79
CA TYR C 326 12.75 12.65 25.06
C TYR C 326 11.22 12.75 24.98
N PHE C 327 10.58 12.27 26.02
CA PHE C 327 9.15 12.30 26.19
C PHE C 327 8.78 12.85 27.56
N TRP C 328 8.31 14.10 27.61
CA TRP C 328 7.65 14.62 28.79
C TRP C 328 6.14 14.32 28.82
N GLY C 329 5.58 13.99 29.97
CA GLY C 329 4.15 13.75 30.03
C GLY C 329 3.67 12.99 31.26
N ASN C 330 2.36 12.76 31.37
CA ASN C 330 1.78 12.06 32.52
C ASN C 330 1.03 10.80 32.17
N LEU C 331 1.37 10.20 31.03
CA LEU C 331 0.80 8.91 30.66
C LEU C 331 1.19 7.89 31.71
N PRO C 332 0.24 7.05 32.11
CA PRO C 332 0.53 5.99 33.09
C PRO C 332 1.71 5.17 32.66
N GLY C 333 2.51 4.76 33.61
CA GLY C 333 3.59 3.81 33.36
C GLY C 333 4.57 4.17 32.27
N MET C 334 4.79 5.44 31.98
CA MET C 334 5.68 5.72 30.86
C MET C 334 7.14 5.56 31.20
N ASN C 335 7.42 5.25 32.46
CA ASN C 335 8.78 4.94 32.90
C ASN C 335 9.11 3.47 32.73
N ARG C 336 8.06 2.65 32.66
CA ARG C 336 8.15 1.19 32.59
C ARG C 336 9.06 0.77 31.44
N PRO C 337 9.63 -0.44 31.53
CA PRO C 337 10.58 -0.92 30.52
C PRO C 337 9.94 -1.16 29.17
N LEU C 338 10.68 -0.92 28.10
CA LEU C 338 10.15 -1.19 26.76
C LEU C 338 10.27 -2.63 26.35
N ALA C 339 9.16 -3.25 25.98
CA ALA C 339 9.18 -4.64 25.52
C ALA C 339 8.96 -4.76 24.00
N SER C 340 9.54 -5.78 23.41
CA SER C 340 9.32 -6.04 22.00
C SER C 340 8.33 -7.15 21.75
N THR C 341 7.18 -6.79 21.20
CA THR C 341 6.21 -7.76 20.74
C THR C 341 6.74 -8.33 19.46
N VAL C 342 6.38 -9.58 19.17
CA VAL C 342 6.92 -10.31 18.02
C VAL C 342 6.67 -9.63 16.67
N ASN C 343 5.53 -8.96 16.54
CA ASN C 343 5.22 -8.16 15.36
C ASN C 343 6.33 -7.18 14.97
N ASP C 344 7.08 -6.70 15.95
CA ASP C 344 8.05 -5.63 15.71
C ASP C 344 9.20 -6.15 14.84
N LYS C 345 9.81 -5.25 14.08
CA LYS C 345 10.91 -5.64 13.21
C LYS C 345 12.23 -5.00 13.63
N LEU C 346 12.97 -5.72 14.49
CA LEU C 346 14.37 -5.40 14.82
C LEU C 346 15.19 -5.85 13.64
N GLU C 347 16.26 -5.13 13.32
CA GLU C 347 17.11 -5.41 12.13
C GLU C 347 16.55 -4.93 10.81
N LEU C 348 17.31 -4.03 10.22
CA LEU C 348 17.08 -3.54 8.88
C LEU C 348 16.74 -4.64 7.87
N GLN C 349 17.36 -5.82 7.97
CA GLN C 349 17.07 -6.89 7.02
C GLN C 349 15.58 -7.25 7.04
N GLU C 350 14.97 -7.33 8.21
CA GLU C 350 13.55 -7.68 8.32
C GLU C 350 12.66 -6.69 7.56
N CYS C 351 13.24 -5.52 7.28
CA CYS C 351 12.54 -4.39 6.72
C CYS C 351 12.81 -4.22 5.24
N LEU C 352 13.76 -5.00 4.73
CA LEU C 352 14.16 -4.85 3.34
C LEU C 352 13.35 -5.71 2.37
N GLU C 353 13.41 -5.28 1.12
CA GLU C 353 12.79 -6.01 0.02
C GLU C 353 13.76 -7.11 -0.46
N HIS C 354 13.23 -8.22 -0.98
CA HIS C 354 14.05 -9.39 -1.36
C HIS C 354 15.14 -9.02 -2.38
N GLY C 355 16.34 -9.55 -2.19
CA GLY C 355 17.43 -9.26 -3.10
C GLY C 355 18.26 -8.10 -2.61
N ARG C 356 17.78 -7.46 -1.55
CA ARG C 356 18.55 -6.40 -0.96
C ARG C 356 19.05 -6.87 0.40
N ILE C 357 20.23 -6.36 0.77
CA ILE C 357 20.92 -6.82 1.96
C ILE C 357 21.39 -5.68 2.84
N ALA C 358 21.18 -5.86 4.13
CA ALA C 358 21.46 -4.85 5.13
C ALA C 358 22.93 -4.79 5.54
N LYS C 359 23.57 -3.64 5.36
CA LYS C 359 24.90 -3.44 5.93
C LYS C 359 24.84 -3.54 7.48
N PHE C 360 24.08 -2.62 8.08
CA PHE C 360 23.99 -2.53 9.53
C PHE C 360 22.81 -3.33 10.07
N SER C 361 22.61 -3.29 11.37
CA SER C 361 21.44 -3.96 11.91
C SER C 361 20.37 -2.91 12.28
N LYS C 362 20.80 -1.67 12.41
CA LYS C 362 19.89 -0.60 12.75
C LYS C 362 20.20 0.55 11.84
N VAL C 363 19.18 1.27 11.39
CA VAL C 363 19.44 2.45 10.56
C VAL C 363 19.81 3.55 11.52
N ARG C 364 20.54 4.53 11.05
CA ARG C 364 20.91 5.64 11.90
C ARG C 364 20.36 6.94 11.32
N THR C 365 19.44 7.52 12.08
CA THR C 365 18.86 8.84 11.83
C THR C 365 18.52 9.49 13.19
N ILE C 366 19.46 10.31 13.67
CA ILE C 366 19.39 10.96 14.98
C ILE C 366 19.11 9.99 16.11
N GLN C 379 27.32 4.22 7.18
CA GLN C 379 27.24 4.55 5.76
C GLN C 379 25.96 5.29 5.44
N HIS C 380 26.13 6.34 4.65
CA HIS C 380 25.04 7.20 4.23
C HIS C 380 24.08 6.44 3.29
N PHE C 381 24.59 5.39 2.64
CA PHE C 381 23.73 4.49 1.85
C PHE C 381 23.77 3.10 2.49
N PRO C 382 22.75 2.79 3.29
CA PRO C 382 22.63 1.60 4.15
C PRO C 382 22.40 0.27 3.47
N VAL C 383 22.36 0.19 2.14
CA VAL C 383 21.95 -1.08 1.52
C VAL C 383 22.90 -1.60 0.42
N PHE C 384 23.05 -2.92 0.35
CA PHE C 384 23.71 -3.55 -0.78
C PHE C 384 22.66 -4.22 -1.63
N MET C 385 22.64 -3.87 -2.91
CA MET C 385 21.74 -4.46 -3.88
C MET C 385 22.54 -4.78 -5.12
N ASN C 386 22.77 -6.07 -5.33
CA ASN C 386 23.55 -6.55 -6.46
C ASN C 386 24.83 -5.73 -6.63
N GLU C 387 25.73 -5.84 -5.65
CA GLU C 387 27.02 -5.13 -5.63
C GLU C 387 26.92 -3.60 -5.61
N LYS C 388 25.74 -3.03 -5.83
CA LYS C 388 25.63 -1.56 -5.81
C LYS C 388 25.10 -1.03 -4.48
N GLU C 389 25.49 0.19 -4.16
CA GLU C 389 25.24 0.77 -2.85
C GLU C 389 24.02 1.68 -2.87
N ASP C 390 22.91 1.18 -2.34
CA ASP C 390 21.62 1.85 -2.46
C ASP C 390 21.10 2.41 -1.15
N ILE C 391 20.22 3.42 -1.27
CA ILE C 391 19.54 4.00 -0.14
C ILE C 391 18.31 3.20 0.22
N LEU C 392 17.73 3.50 1.37
CA LEU C 392 16.50 2.85 1.80
C LEU C 392 15.32 3.28 0.94
N TRP C 393 14.49 2.30 0.57
CA TRP C 393 13.29 2.62 -0.19
C TRP C 393 12.18 3.10 0.75
N CYS C 394 11.37 4.06 0.30
CA CYS C 394 10.34 4.61 1.18
C CYS C 394 9.52 3.54 1.87
N THR C 395 9.33 2.43 1.19
CA THR C 395 8.53 1.38 1.79
C THR C 395 9.34 0.71 2.90
N GLU C 396 10.66 0.69 2.70
CA GLU C 396 11.53 0.07 3.68
C GLU C 396 11.59 0.96 4.89
N MET C 397 11.75 2.25 4.64
CA MET C 397 11.76 3.27 5.68
C MET C 397 10.49 3.24 6.51
N GLU C 398 9.36 3.08 5.83
CA GLU C 398 8.11 2.87 6.52
C GLU C 398 8.26 1.71 7.44
N ARG C 399 8.93 0.66 6.98
CA ARG C 399 8.98 -0.54 7.79
C ARG C 399 9.88 -0.37 8.98
N VAL C 400 10.94 0.40 8.80
CA VAL C 400 11.86 0.77 9.86
C VAL C 400 11.08 1.48 10.95
N PHE C 401 10.29 2.47 10.54
CA PHE C 401 9.62 3.33 11.50
C PHE C 401 8.39 2.77 12.15
N GLY C 402 8.02 1.53 11.83
CA GLY C 402 6.91 0.89 12.53
C GLY C 402 5.56 1.14 11.87
N PHE C 403 5.54 2.02 10.86
CA PHE C 403 4.35 2.29 10.06
C PHE C 403 3.90 1.13 9.21
N PRO C 404 2.58 0.99 8.97
CA PRO C 404 2.13 -0.04 8.04
C PRO C 404 2.65 0.33 6.68
N VAL C 405 3.07 -0.67 5.93
CA VAL C 405 3.76 -0.42 4.69
C VAL C 405 2.80 0.22 3.71
N HIS C 406 3.28 1.28 3.05
CA HIS C 406 2.59 2.12 2.03
C HIS C 406 1.80 3.25 2.68
N TYR C 407 1.99 3.44 4.00
CA TYR C 407 1.20 4.38 4.77
C TYR C 407 1.35 5.78 4.21
N THR C 408 2.52 6.08 3.64
CA THR C 408 2.70 7.40 3.08
C THR C 408 2.66 7.43 1.55
N ASP C 409 2.16 6.35 0.95
CA ASP C 409 1.83 6.35 -0.48
C ASP C 409 0.42 6.93 -0.66
N VAL C 410 0.31 8.24 -0.84
CA VAL C 410 -1.03 8.82 -0.81
C VAL C 410 -1.26 9.81 -1.95
N SER C 411 -0.38 10.80 -2.15
CA SER C 411 -0.61 11.78 -3.20
C SER C 411 0.41 11.63 -4.32
N ASN C 412 0.80 12.75 -4.92
CA ASN C 412 1.88 12.82 -5.89
C ASN C 412 3.11 13.60 -5.41
N MET C 413 3.30 13.69 -4.10
CA MET C 413 4.45 14.37 -3.52
C MET C 413 5.74 13.61 -3.89
N SER C 414 6.83 14.34 -4.03
CA SER C 414 8.09 13.74 -4.44
C SER C 414 8.55 12.63 -3.49
N ARG C 415 9.52 11.85 -3.94
CA ARG C 415 10.15 10.90 -3.07
C ARG C 415 10.86 11.65 -1.92
N LEU C 416 11.47 12.79 -2.27
CA LEU C 416 12.10 13.67 -1.30
C LEU C 416 11.19 13.98 -0.14
N ALA C 417 9.94 14.34 -0.49
CA ALA C 417 8.91 14.77 0.44
C ALA C 417 8.44 13.62 1.31
N ARG C 418 8.33 12.45 0.72
CA ARG C 418 7.90 11.30 1.46
C ARG C 418 8.98 10.88 2.45
N GLN C 419 10.25 11.02 2.04
CA GLN C 419 11.38 10.77 2.95
C GLN C 419 11.27 11.74 4.13
N ARG C 420 11.22 13.04 3.85
CA ARG C 420 11.12 14.07 4.90
C ARG C 420 10.01 13.76 5.90
N LEU C 421 8.84 13.43 5.37
CA LEU C 421 7.72 13.11 6.23
C LEU C 421 8.06 11.97 7.15
N LEU C 422 8.62 10.89 6.62
CA LEU C 422 8.95 9.79 7.50
C LEU C 422 10.08 10.15 8.47
N GLY C 423 11.00 11.02 8.03
CA GLY C 423 12.11 11.49 8.84
C GLY C 423 11.62 12.12 10.13
N ARG C 424 10.66 13.03 10.05
CA ARG C 424 10.16 13.70 11.25
C ARG C 424 9.32 12.86 12.21
N SER C 425 8.81 11.72 11.80
CA SER C 425 7.74 11.11 12.58
C SER C 425 8.15 10.31 13.84
N TRP C 426 7.17 10.01 14.66
CA TRP C 426 7.35 9.18 15.81
C TRP C 426 7.52 7.73 15.40
N SER C 427 8.33 6.99 16.13
CA SER C 427 8.42 5.57 15.90
C SER C 427 7.11 4.97 16.39
N VAL C 428 6.41 4.30 15.50
CA VAL C 428 5.09 3.79 15.80
C VAL C 428 5.10 2.85 17.02
N PRO C 429 6.08 1.93 17.12
CA PRO C 429 5.96 1.03 18.29
C PRO C 429 6.29 1.70 19.65
N VAL C 430 7.08 2.78 19.60
CA VAL C 430 7.37 3.56 20.80
C VAL C 430 6.09 4.22 21.29
N ILE C 431 5.42 4.93 20.38
CA ILE C 431 4.13 5.51 20.70
C ILE C 431 3.10 4.46 21.10
N ARG C 432 3.13 3.28 20.51
CA ARG C 432 2.17 2.26 20.91
C ARG C 432 2.39 1.95 22.38
N HIS C 433 3.68 1.88 22.74
CA HIS C 433 4.08 1.63 24.11
C HIS C 433 3.58 2.75 25.03
N LEU C 434 3.77 3.99 24.63
CA LEU C 434 3.31 5.10 25.45
C LEU C 434 1.79 5.12 25.60
N PHE C 435 1.04 4.89 24.50
CA PHE C 435 -0.44 5.01 24.53
C PHE C 435 -1.15 3.82 25.14
N ALA C 436 -0.50 2.67 25.21
CA ALA C 436 -1.23 1.46 25.58
C ALA C 436 -2.01 1.56 26.89
N PRO C 437 -1.44 2.17 27.95
CA PRO C 437 -2.29 2.02 29.14
C PRO C 437 -3.48 2.97 29.14
N LEU C 438 -3.55 3.90 28.19
CA LEU C 438 -4.77 4.68 27.99
C LEU C 438 -6.02 3.78 27.83
N LYS C 439 -5.81 2.53 27.42
CA LYS C 439 -6.89 1.54 27.30
C LYS C 439 -7.62 1.33 28.61
N GLU C 440 -6.91 1.51 29.71
CA GLU C 440 -7.49 1.32 31.02
C GLU C 440 -8.30 2.53 31.47
N TYR C 441 -8.38 3.54 30.60
CA TYR C 441 -9.08 4.78 30.90
C TYR C 441 -10.11 5.17 29.85
N PHE C 442 -10.13 4.47 28.74
CA PHE C 442 -11.07 4.86 27.72
C PHE C 442 -11.72 3.66 27.05
N ALA C 443 -12.63 3.95 26.11
CA ALA C 443 -13.49 2.95 25.50
C ALA C 443 -12.87 2.18 24.32
N CYS C 444 -13.31 0.93 24.19
CA CYS C 444 -12.77 0.02 23.19
C CYS C 444 -13.74 -0.27 22.05
N VAL C 445 -13.19 -0.61 20.89
CA VAL C 445 -13.97 -1.04 19.75
C VAL C 445 -14.30 -2.54 19.82
N PHE D 7 -14.08 46.82 34.56
CA PHE D 7 -13.88 46.54 36.00
C PHE D 7 -14.47 45.21 36.42
N MET D 8 -13.64 44.26 36.86
CA MET D 8 -14.12 42.89 37.07
C MET D 8 -14.32 42.47 38.53
N PHE D 9 -13.91 43.32 39.46
CA PHE D 9 -14.04 42.93 40.85
C PHE D 9 -14.88 43.91 41.66
N GLU D 10 -15.52 43.40 42.71
CA GLU D 10 -16.28 44.26 43.59
C GLU D 10 -15.34 45.17 44.37
N THR D 11 -15.75 46.43 44.54
CA THR D 11 -14.97 47.40 45.28
C THR D 11 -15.02 47.05 46.76
N VAL D 12 -13.85 47.05 47.39
CA VAL D 12 -13.74 46.77 48.81
C VAL D 12 -14.02 48.01 49.66
N PRO D 13 -14.78 47.85 50.76
CA PRO D 13 -14.87 48.97 51.71
C PRO D 13 -13.49 49.33 52.28
N VAL D 14 -13.26 50.62 52.47
CA VAL D 14 -11.92 51.16 52.72
C VAL D 14 -11.22 50.60 53.98
N TRP D 15 -11.96 50.40 55.06
CA TRP D 15 -11.34 49.89 56.29
C TRP D 15 -10.97 48.42 56.15
N ARG D 16 -11.60 47.74 55.20
CA ARG D 16 -11.37 46.31 54.97
C ARG D 16 -10.17 46.06 54.05
N ARG D 17 -9.77 47.12 53.33
CA ARG D 17 -8.66 47.09 52.39
C ARG D 17 -7.31 46.80 53.03
N GLN D 18 -6.45 46.12 52.27
CA GLN D 18 -5.20 45.61 52.78
C GLN D 18 -4.07 45.99 51.83
N PRO D 19 -2.82 45.95 52.31
CA PRO D 19 -1.73 46.42 51.44
C PRO D 19 -1.45 45.51 50.23
N VAL D 20 -1.32 46.10 49.05
CA VAL D 20 -1.04 45.31 47.86
C VAL D 20 0.24 44.47 48.02
N ARG D 21 0.22 43.25 47.48
CA ARG D 21 1.39 42.39 47.43
C ARG D 21 1.82 42.20 46.00
N VAL D 22 3.07 42.53 45.69
CA VAL D 22 3.49 42.55 44.30
C VAL D 22 4.66 41.62 44.01
N LEU D 23 4.54 40.86 42.93
CA LEU D 23 5.68 40.12 42.39
C LEU D 23 6.16 40.91 41.18
N SER D 24 7.42 41.34 41.24
CA SER D 24 7.98 42.26 40.24
C SER D 24 9.14 41.59 39.55
N LEU D 25 9.02 41.37 38.23
CA LEU D 25 9.81 40.32 37.62
C LEU D 25 11.10 40.71 36.92
N PHE D 26 11.15 41.75 36.12
CA PHE D 26 12.47 42.02 35.58
C PHE D 26 12.90 43.44 35.92
N GLU D 27 12.08 44.41 35.52
CA GLU D 27 12.15 45.78 36.01
C GLU D 27 11.76 45.74 37.48
N ASP D 28 11.86 46.87 38.17
CA ASP D 28 11.45 46.94 39.56
C ASP D 28 10.53 48.13 39.71
N ILE D 29 9.38 47.91 40.31
CA ILE D 29 8.44 49.00 40.49
C ILE D 29 8.33 49.44 41.94
N LYS D 30 9.28 49.01 42.76
CA LYS D 30 9.27 49.36 44.20
C LYS D 30 9.09 50.86 44.36
N LYS D 31 9.98 51.59 43.68
CA LYS D 31 9.96 53.04 43.65
C LYS D 31 8.58 53.62 43.39
N GLU D 32 8.17 53.64 42.13
CA GLU D 32 6.94 54.33 41.75
C GLU D 32 5.71 53.72 42.41
N LEU D 33 5.83 52.51 42.98
CA LEU D 33 4.71 51.94 43.71
C LEU D 33 4.66 52.41 45.17
N THR D 34 5.82 52.85 45.69
CA THR D 34 5.87 53.49 47.01
C THR D 34 5.43 54.94 46.85
N SER D 35 5.80 55.53 45.72
CA SER D 35 5.43 56.90 45.39
C SER D 35 3.91 57.13 45.39
N LEU D 36 3.15 56.13 44.95
CA LEU D 36 1.70 56.29 44.85
C LEU D 36 1.01 55.96 46.15
N GLY D 37 1.74 55.34 47.07
CA GLY D 37 1.19 55.06 48.39
C GLY D 37 0.75 53.63 48.57
N PHE D 38 1.09 52.77 47.61
CA PHE D 38 0.71 51.36 47.66
C PHE D 38 1.60 50.56 48.60
N LEU D 39 2.90 50.82 48.54
CA LEU D 39 3.83 50.25 49.52
C LEU D 39 4.10 51.27 50.61
N GLU D 40 4.22 50.77 51.83
CA GLU D 40 4.48 51.62 52.98
C GLU D 40 5.89 52.16 52.89
N SER D 41 6.05 53.46 53.13
CA SER D 41 7.36 54.09 52.97
C SER D 41 8.38 53.51 53.95
N GLY D 42 7.88 52.96 55.05
CA GLY D 42 8.73 52.20 55.94
C GLY D 42 9.40 51.10 55.14
N SER D 43 10.72 51.02 55.22
CA SER D 43 11.45 50.18 54.29
C SER D 43 11.54 48.73 54.78
N ASP D 44 10.59 47.94 54.34
CA ASP D 44 10.59 46.50 54.50
C ASP D 44 10.94 45.87 53.17
N PRO D 45 11.34 44.59 53.18
CA PRO D 45 11.13 43.90 51.91
C PRO D 45 9.61 43.76 51.80
N GLY D 46 9.02 43.20 52.87
CA GLY D 46 7.59 43.14 53.05
C GLY D 46 6.77 42.70 51.85
N GLN D 47 6.11 43.68 51.23
CA GLN D 47 5.03 43.37 50.30
C GLN D 47 5.47 43.21 48.84
N LEU D 48 6.75 43.43 48.54
CA LEU D 48 7.19 43.27 47.17
C LEU D 48 8.38 42.36 46.99
N LYS D 49 8.22 41.39 46.07
CA LYS D 49 9.32 40.54 45.64
C LYS D 49 9.78 40.88 44.25
N HIS D 50 11.09 40.95 44.12
CA HIS D 50 11.72 41.23 42.86
C HIS D 50 12.63 40.06 42.60
N VAL D 51 12.46 39.43 41.44
CA VAL D 51 13.34 38.34 41.07
C VAL D 51 13.86 38.81 39.76
N VAL D 52 14.91 38.16 39.28
CA VAL D 52 15.62 38.59 38.08
C VAL D 52 15.91 37.40 37.15
N ASP D 53 16.65 36.41 37.66
CA ASP D 53 16.87 35.19 36.91
C ASP D 53 15.90 34.11 37.38
N VAL D 54 14.73 34.09 36.75
CA VAL D 54 13.69 33.17 37.16
C VAL D 54 13.98 31.75 36.67
N THR D 55 14.97 31.63 35.79
CA THR D 55 15.40 30.36 35.21
C THR D 55 15.11 29.14 36.06
N ASP D 56 15.39 29.23 37.36
CA ASP D 56 15.10 28.09 38.21
C ASP D 56 13.98 28.36 39.21
N THR D 57 13.20 29.41 38.98
CA THR D 57 11.98 29.62 39.76
C THR D 57 10.95 28.53 39.45
N VAL D 58 10.48 27.89 40.51
CA VAL D 58 9.52 26.81 40.46
C VAL D 58 8.17 27.36 40.95
N ARG D 59 7.05 26.74 40.58
CA ARG D 59 5.75 27.17 41.12
C ARG D 59 5.72 27.22 42.65
N LYS D 60 6.41 26.28 43.29
CA LYS D 60 6.44 26.26 44.74
C LYS D 60 7.07 27.53 45.32
N ASP D 61 8.11 28.03 44.66
CA ASP D 61 8.73 29.27 45.08
C ASP D 61 7.68 30.38 45.06
N VAL D 62 7.03 30.58 43.93
CA VAL D 62 6.04 31.65 43.83
C VAL D 62 4.95 31.47 44.89
N GLU D 63 4.61 30.23 45.17
CA GLU D 63 3.57 29.96 46.15
C GLU D 63 4.03 30.39 47.55
N GLU D 64 5.30 30.13 47.88
CA GLU D 64 5.85 30.48 49.20
C GLU D 64 6.20 31.96 49.36
N TRP D 65 6.51 32.64 48.27
CA TRP D 65 6.62 34.09 48.34
C TRP D 65 5.26 34.71 48.46
N GLY D 66 4.34 33.95 49.06
CA GLY D 66 3.06 34.47 49.54
C GLY D 66 2.16 34.91 48.41
N PRO D 67 0.92 35.22 48.75
CA PRO D 67 -0.11 35.64 47.78
C PRO D 67 0.36 36.88 47.03
N PHE D 68 0.01 37.02 45.77
CA PHE D 68 0.36 38.23 45.06
C PHE D 68 -0.90 38.81 44.47
N ASP D 69 -1.07 40.13 44.58
CA ASP D 69 -2.27 40.75 44.08
C ASP D 69 -1.95 41.40 42.75
N LEU D 70 -0.66 41.60 42.52
CA LEU D 70 -0.21 42.19 41.29
C LEU D 70 1.04 41.50 40.84
N VAL D 71 1.10 41.18 39.54
CA VAL D 71 2.30 40.55 39.00
C VAL D 71 2.74 41.42 37.84
N TYR D 72 4.00 41.78 37.86
CA TYR D 72 4.50 42.79 36.94
C TYR D 72 5.74 42.28 36.25
N GLY D 73 5.85 42.57 34.97
CA GLY D 73 7.07 42.20 34.28
C GLY D 73 7.34 43.19 33.18
N ALA D 74 8.59 43.26 32.76
CA ALA D 74 8.93 44.16 31.66
C ALA D 74 10.24 43.75 31.03
N THR D 75 10.38 44.10 29.75
CA THR D 75 11.63 43.87 29.03
C THR D 75 12.61 44.94 29.47
N PRO D 76 13.88 44.56 29.65
CA PRO D 76 14.92 45.52 30.01
C PRO D 76 15.01 46.58 28.91
N PRO D 77 15.19 47.86 29.29
CA PRO D 77 15.13 48.97 28.35
C PRO D 77 16.24 48.86 27.34
N LEU D 78 16.10 49.56 26.23
CA LEU D 78 16.99 49.38 25.09
C LEU D 78 18.47 49.40 25.49
N GLY D 79 19.28 48.62 24.79
CA GLY D 79 20.71 48.60 25.04
C GLY D 79 21.26 47.64 26.06
N HIS D 80 21.25 48.08 27.32
CA HIS D 80 22.15 47.52 28.31
C HIS D 80 21.95 46.03 28.57
N THR D 81 20.86 45.68 29.25
CA THR D 81 20.80 44.41 29.96
C THR D 81 19.92 43.32 29.31
N CYS D 82 20.35 42.77 28.17
CA CYS D 82 19.62 41.66 27.55
C CYS D 82 20.46 40.38 27.49
N ASP D 83 20.73 39.80 28.66
CA ASP D 83 21.41 38.51 28.77
C ASP D 83 20.61 37.44 28.01
N ARG D 84 19.29 37.64 28.01
CA ARG D 84 18.35 36.68 27.44
C ARG D 84 17.63 37.37 26.27
N PRO D 85 17.14 36.57 25.29
CA PRO D 85 16.43 37.15 24.14
C PRO D 85 15.03 37.64 24.50
N PRO D 86 14.55 38.71 23.85
CA PRO D 86 13.36 39.44 24.29
C PRO D 86 12.11 38.56 24.51
N SER D 87 11.99 37.45 23.78
CA SER D 87 10.86 36.53 23.95
C SER D 87 10.89 35.88 25.33
N TRP D 88 12.10 35.53 25.77
CA TRP D 88 12.34 34.84 27.03
C TRP D 88 11.63 35.56 28.18
N TYR D 89 11.59 36.88 28.08
CA TYR D 89 10.96 37.68 29.11
C TYR D 89 9.47 37.43 29.15
N LEU D 90 8.88 37.40 27.96
CA LEU D 90 7.47 37.15 27.81
C LEU D 90 7.12 35.73 28.29
N PHE D 91 7.82 34.72 27.82
CA PHE D 91 7.48 33.37 28.23
C PHE D 91 7.66 33.15 29.72
N GLN D 92 8.78 33.62 30.27
CA GLN D 92 9.10 33.39 31.69
C GLN D 92 8.10 34.12 32.57
N PHE D 93 7.82 35.37 32.18
CA PHE D 93 6.74 36.11 32.78
C PHE D 93 5.47 35.26 32.81
N HIS D 94 4.97 34.88 31.63
CA HIS D 94 3.72 34.11 31.47
C HIS D 94 3.67 32.90 32.40
N ARG D 95 4.77 32.16 32.40
CA ARG D 95 4.92 30.99 33.25
C ARG D 95 4.72 31.28 34.72
N LEU D 96 5.35 32.34 35.23
CA LEU D 96 5.26 32.60 36.66
C LEU D 96 3.92 33.16 37.01
N LEU D 97 3.39 33.94 36.06
CA LEU D 97 2.06 34.50 36.19
C LEU D 97 1.10 33.38 36.54
N GLN D 98 1.09 32.30 35.75
CA GLN D 98 0.13 31.26 36.09
C GLN D 98 0.35 30.68 37.50
N TYR D 99 1.60 30.60 37.97
CA TYR D 99 1.87 30.11 39.33
C TYR D 99 1.24 31.05 40.37
N ALA D 100 1.24 32.35 40.08
CA ALA D 100 0.73 33.34 41.04
C ALA D 100 -0.77 33.51 40.99
N ARG D 101 -1.39 33.05 39.92
CA ARG D 101 -2.84 33.14 39.69
C ARG D 101 -3.65 32.48 40.83
N PRO D 102 -4.79 33.07 41.21
CA PRO D 102 -5.63 32.48 42.28
C PRO D 102 -6.28 31.16 41.86
N LYS D 103 -6.35 30.18 42.73
CA LYS D 103 -7.00 28.94 42.32
C LYS D 103 -8.47 29.26 42.04
N PRO D 104 -9.16 28.45 41.22
CA PRO D 104 -10.58 28.78 41.12
C PRO D 104 -11.32 28.10 42.26
N GLY D 105 -12.41 28.69 42.73
CA GLY D 105 -12.81 30.04 42.39
C GLY D 105 -12.59 30.99 43.57
N SER D 106 -11.49 31.72 43.52
CA SER D 106 -11.23 32.75 44.50
C SER D 106 -11.50 34.11 43.86
N PRO D 107 -12.56 34.79 44.34
CA PRO D 107 -13.08 36.07 43.81
C PRO D 107 -12.12 37.24 44.03
N ARG D 108 -11.07 36.98 44.84
CA ARG D 108 -10.05 37.94 45.22
C ARG D 108 -9.50 38.72 44.03
N PRO D 109 -9.24 40.03 44.21
CA PRO D 109 -8.74 40.77 43.05
C PRO D 109 -7.31 40.42 42.71
N PHE D 110 -7.06 40.23 41.41
CA PHE D 110 -5.74 39.80 40.92
C PHE D 110 -5.40 40.53 39.66
N PHE D 111 -4.31 41.29 39.68
CA PHE D 111 -3.94 42.06 38.51
C PHE D 111 -2.54 41.71 38.00
N TRP D 112 -2.31 41.92 36.72
CA TRP D 112 -0.99 41.68 36.19
C TRP D 112 -0.75 42.69 35.10
N MET D 113 0.53 42.98 34.86
CA MET D 113 0.94 43.86 33.79
C MET D 113 2.30 43.42 33.27
N PHE D 114 2.44 43.46 31.95
CA PHE D 114 3.71 43.22 31.28
C PHE D 114 3.94 44.38 30.36
N VAL D 115 5.16 44.93 30.39
CA VAL D 115 5.49 46.17 29.71
C VAL D 115 6.70 46.02 28.80
N ASP D 116 6.55 46.28 27.52
CA ASP D 116 7.71 46.29 26.65
C ASP D 116 8.30 47.66 26.57
N ASN D 117 9.59 47.77 26.86
CA ASN D 117 10.29 49.05 26.71
C ASN D 117 10.82 49.15 25.26
N LEU D 118 9.93 48.90 24.30
CA LEU D 118 10.19 48.95 22.86
C LEU D 118 11.32 48.03 22.36
N VAL D 119 11.40 46.84 22.93
CA VAL D 119 12.46 45.89 22.64
C VAL D 119 11.98 44.70 21.77
N LEU D 120 10.68 44.44 21.79
CA LEU D 120 10.10 43.33 21.04
C LEU D 120 9.79 43.72 19.59
N ASN D 121 10.36 42.96 18.65
CA ASN D 121 10.07 43.14 17.23
C ASN D 121 8.66 42.68 16.88
N LYS D 122 8.31 42.69 15.60
CA LYS D 122 6.92 42.40 15.22
C LYS D 122 6.47 40.97 15.54
N GLU D 123 7.32 39.98 15.29
CA GLU D 123 6.94 38.59 15.59
C GLU D 123 6.84 38.40 17.08
N ASP D 124 7.76 39.01 17.81
CA ASP D 124 7.74 38.95 19.27
C ASP D 124 6.48 39.62 19.82
N LEU D 125 6.08 40.72 19.20
CA LEU D 125 4.87 41.44 19.59
C LEU D 125 3.62 40.59 19.40
N ASP D 126 3.51 39.99 18.21
CA ASP D 126 2.42 39.06 17.95
C ASP D 126 2.38 37.96 19.04
N VAL D 127 3.54 37.38 19.35
CA VAL D 127 3.59 36.32 20.35
C VAL D 127 3.14 36.78 21.72
N ALA D 128 3.57 37.97 22.14
CA ALA D 128 3.14 38.49 23.41
C ALA D 128 1.62 38.63 23.41
N SER D 129 1.09 39.20 22.33
CA SER D 129 -0.33 39.48 22.26
C SER D 129 -1.17 38.19 22.29
N ARG D 130 -0.69 37.15 21.62
CA ARG D 130 -1.40 35.87 21.63
C ARG D 130 -1.28 35.19 22.97
N PHE D 131 -0.11 35.28 23.61
CA PHE D 131 0.12 34.61 24.89
C PHE D 131 -0.54 35.34 26.05
N LEU D 132 -0.69 36.64 25.92
CA LEU D 132 -1.34 37.43 26.95
C LEU D 132 -2.80 37.72 26.57
N GLU D 133 -3.23 37.17 25.44
CA GLU D 133 -4.62 37.23 25.05
C GLU D 133 -5.14 38.67 24.95
N MET D 134 -4.32 39.58 24.43
CA MET D 134 -4.80 40.93 24.11
C MET D 134 -3.81 41.78 23.34
N GLU D 135 -4.33 42.85 22.74
CA GLU D 135 -3.49 43.87 22.13
C GLU D 135 -2.90 44.83 23.18
N PRO D 136 -1.68 45.32 22.92
CA PRO D 136 -1.06 46.24 23.88
C PRO D 136 -1.54 47.67 23.71
N VAL D 137 -1.55 48.43 24.80
CA VAL D 137 -1.71 49.88 24.72
C VAL D 137 -0.33 50.52 24.57
N THR D 138 -0.17 51.40 23.59
CA THR D 138 1.11 52.10 23.45
C THR D 138 1.04 53.50 24.07
N ILE D 139 1.88 53.76 25.07
CA ILE D 139 1.91 55.08 25.70
C ILE D 139 3.26 55.79 25.51
N PRO D 140 3.19 57.04 25.01
CA PRO D 140 4.25 57.85 24.42
C PRO D 140 4.86 58.95 25.30
N ASP D 141 5.95 59.56 24.81
CA ASP D 141 6.62 60.67 25.49
C ASP D 141 6.04 62.01 25.00
N VAL D 142 6.91 62.92 24.53
CA VAL D 142 6.45 64.22 24.06
C VAL D 142 6.87 64.47 22.58
N HIS D 143 8.11 64.91 22.39
CA HIS D 143 8.79 64.95 21.08
C HIS D 143 8.17 65.98 20.13
N ALA D 150 6.64 55.85 24.44
CA ALA D 150 7.74 55.01 24.00
C ALA D 150 7.70 53.69 24.76
N VAL D 151 6.51 53.28 25.19
CA VAL D 151 6.38 52.01 25.91
C VAL D 151 5.06 51.28 25.61
N ARG D 152 5.08 49.94 25.64
CA ARG D 152 3.88 49.14 25.37
C ARG D 152 3.41 48.44 26.64
N VAL D 153 2.08 48.31 26.79
CA VAL D 153 1.51 47.83 28.04
C VAL D 153 0.38 46.82 27.83
N TRP D 154 0.60 45.62 28.35
CA TRP D 154 -0.40 44.57 28.41
C TRP D 154 -0.84 44.44 29.84
N SER D 155 -2.13 44.51 30.10
CA SER D 155 -2.57 44.40 31.47
C SER D 155 -4.07 44.13 31.60
N ASN D 156 -4.43 43.46 32.69
CA ASN D 156 -5.83 43.27 33.04
C ASN D 156 -6.35 44.35 33.94
N ILE D 157 -5.48 45.30 34.29
CA ILE D 157 -5.89 46.43 35.12
C ILE D 157 -6.75 47.37 34.29
N PRO D 158 -7.96 47.70 34.80
CA PRO D 158 -8.99 48.50 34.12
C PRO D 158 -8.56 49.91 33.76
N ALA D 159 -9.20 50.44 32.72
CA ALA D 159 -9.07 51.86 32.39
C ALA D 159 -7.64 52.29 32.15
N ILE D 160 -6.87 51.45 31.46
CA ILE D 160 -5.60 51.93 30.95
C ILE D 160 -5.93 52.98 29.89
N ARG D 161 -7.00 52.76 29.14
CA ARG D 161 -7.46 53.68 28.10
C ARG D 161 -8.28 54.86 28.67
N SER D 162 -8.14 55.10 29.97
CA SER D 162 -8.89 56.15 30.65
C SER D 162 -8.64 57.55 30.07
N ARG D 163 -7.50 57.74 29.41
CA ARG D 163 -7.19 59.02 28.78
C ARG D 163 -6.49 58.81 27.43
N HIS D 164 -7.14 59.28 26.36
CA HIS D 164 -6.65 59.09 24.99
C HIS D 164 -5.51 60.05 24.62
N TRP D 165 -4.64 59.62 23.71
CA TRP D 165 -3.58 60.50 23.17
C TRP D 165 -3.19 60.19 21.72
N ALA D 166 -1.99 60.65 21.34
CA ALA D 166 -1.53 60.62 19.96
C ALA D 166 -1.48 59.22 19.36
N LEU D 167 -1.67 59.16 18.04
CA LEU D 167 -1.75 57.89 17.32
C LEU D 167 -0.44 57.12 17.39
N VAL D 168 0.64 57.74 16.92
CA VAL D 168 1.97 57.11 16.98
C VAL D 168 2.02 55.81 16.18
N SER D 169 1.98 55.93 14.85
CA SER D 169 2.12 54.80 13.95
C SER D 169 3.41 54.04 14.20
N GLU D 170 3.41 52.74 13.91
CA GLU D 170 4.55 51.87 14.20
C GLU D 170 5.87 52.35 13.56
N GLU D 171 5.76 53.06 12.44
CA GLU D 171 6.94 53.66 11.80
C GLU D 171 7.59 54.69 12.74
N GLU D 172 6.74 55.50 13.39
CA GLU D 172 7.21 56.48 14.36
C GLU D 172 8.11 55.83 15.41
N LEU D 173 7.55 54.81 16.06
CA LEU D 173 8.24 54.09 17.11
C LEU D 173 9.49 53.44 16.57
N SER D 174 9.42 53.01 15.31
CA SER D 174 10.55 52.38 14.66
C SER D 174 11.75 53.33 14.58
N LEU D 175 11.51 54.56 14.10
CA LEU D 175 12.60 55.54 14.02
C LEU D 175 13.03 55.95 15.43
N LEU D 176 12.06 56.13 16.32
CA LEU D 176 12.33 56.46 17.72
C LEU D 176 13.31 55.45 18.32
N ALA D 177 13.12 54.19 17.93
CA ALA D 177 13.99 53.08 18.30
C ALA D 177 15.36 53.25 17.66
N GLN D 178 15.37 53.57 16.37
CA GLN D 178 16.60 53.66 15.58
C GLN D 178 17.66 54.50 16.29
N ASN D 179 17.26 55.65 16.86
CA ASN D 179 18.23 56.58 17.42
C ASN D 179 19.13 55.88 18.43
N LYS D 180 18.51 55.24 19.40
CA LYS D 180 19.20 54.39 20.38
C LYS D 180 20.63 54.84 20.76
N GLN D 181 20.79 56.11 21.12
CA GLN D 181 22.12 56.65 21.38
C GLN D 181 22.35 57.03 22.85
N SER D 182 23.56 57.51 23.13
CA SER D 182 24.05 57.85 24.48
C SER D 182 24.21 56.59 25.33
N SER D 183 24.54 55.49 24.66
CA SER D 183 24.65 54.16 25.26
C SER D 183 24.92 53.13 24.15
N PRO D 190 15.07 54.93 33.08
CA PRO D 190 13.95 54.30 32.35
C PRO D 190 13.00 53.48 33.27
N THR D 191 11.69 53.74 33.29
CA THR D 191 10.96 54.64 32.39
C THR D 191 9.55 54.93 32.91
N LYS D 192 9.37 55.41 34.14
CA LYS D 192 8.04 55.33 34.75
C LYS D 192 7.04 56.31 34.13
N LEU D 193 6.77 56.03 32.86
CA LEU D 193 5.63 56.54 32.11
C LEU D 193 4.41 55.68 32.45
N VAL D 194 4.68 54.56 33.09
CA VAL D 194 3.68 53.55 33.45
C VAL D 194 3.16 53.76 34.87
N LYS D 195 3.72 54.76 35.55
CA LYS D 195 3.41 55.04 36.96
C LYS D 195 1.90 55.21 37.23
N ASN D 196 1.20 55.95 36.38
CA ASN D 196 -0.23 56.24 36.62
C ASN D 196 -1.18 55.07 36.40
N CYS D 197 -0.73 54.11 35.62
CA CYS D 197 -1.58 52.98 35.23
C CYS D 197 -2.10 52.18 36.44
N PHE D 198 -1.30 52.14 37.49
CA PHE D 198 -1.64 51.39 38.69
C PHE D 198 -2.74 52.04 39.51
N LEU D 199 -3.28 53.17 39.02
CA LEU D 199 -4.22 53.93 39.85
C LEU D 199 -5.47 53.18 40.29
N PRO D 200 -6.20 52.54 39.34
CA PRO D 200 -7.44 51.87 39.77
C PRO D 200 -7.26 50.83 40.88
N LEU D 201 -6.01 50.39 41.13
CA LEU D 201 -5.74 49.41 42.20
C LEU D 201 -6.09 49.95 43.58
N ARG D 202 -6.33 51.24 43.63
CA ARG D 202 -6.68 51.87 44.87
C ARG D 202 -8.08 51.47 45.31
N GLU D 203 -8.88 50.98 44.36
CA GLU D 203 -10.22 50.50 44.67
C GLU D 203 -10.22 49.32 45.65
N TYR D 204 -9.16 48.50 45.59
CA TYR D 204 -9.12 47.23 46.31
C TYR D 204 -8.03 47.20 47.37
N PHE D 205 -7.06 48.12 47.22
CA PHE D 205 -5.91 48.10 48.12
C PHE D 205 -5.66 49.37 48.91
N LYS D 206 -5.11 49.15 50.11
CA LYS D 206 -4.78 50.16 51.13
C LYS D 206 -3.91 51.31 50.61
N TYR D 207 -4.26 52.54 50.99
CA TYR D 207 -3.41 53.70 50.72
C TYR D 207 -2.50 53.98 51.91
N PHE D 208 -1.28 54.39 51.61
CA PHE D 208 -0.33 54.77 52.65
C PHE D 208 0.12 56.23 52.49
N SER D 209 0.42 56.87 53.62
CA SER D 209 0.74 58.31 53.71
C SER D 209 -0.44 59.15 53.23
N ALA E 1 -22.32 -30.05 0.37
CA ALA E 1 -21.26 -29.66 1.29
C ALA E 1 -21.40 -28.21 1.67
N ARG E 2 -20.39 -27.42 1.34
CA ARG E 2 -20.37 -26.00 1.67
C ARG E 2 -21.39 -25.19 0.88
N THR E 3 -21.79 -24.06 1.47
CA THR E 3 -22.87 -23.24 0.94
C THR E 3 -22.50 -21.76 0.99
N LYS E 4 -22.80 -21.04 -0.09
CA LYS E 4 -22.68 -19.59 -0.04
C LYS E 4 -23.92 -18.89 -0.60
N GLN E 5 -23.91 -17.56 -0.53
CA GLN E 5 -25.00 -16.76 -1.05
C GLN E 5 -24.47 -15.89 -2.18
N THR E 6 -25.24 -15.81 -3.27
CA THR E 6 -24.80 -15.17 -4.51
C THR E 6 -24.84 -13.64 -4.45
N ALA E 7 -24.04 -13.01 -5.30
CA ALA E 7 -24.02 -11.54 -5.39
C ALA E 7 -25.06 -11.06 -6.40
N ARG E 8 -25.99 -10.20 -5.97
CA ARG E 8 -27.08 -9.75 -6.84
C ARG E 8 -26.47 -9.06 -8.06
N LYS E 9 -27.19 -9.09 -9.17
CA LYS E 9 -26.61 -8.76 -10.46
C LYS E 9 -27.07 -7.41 -11.00
N SER E 10 -26.19 -6.79 -11.80
CA SER E 10 -26.46 -5.49 -12.41
C SER E 10 -27.67 -5.50 -13.34
N ALA F 1 -17.04 -18.13 28.19
CA ALA F 1 -16.26 -16.94 27.86
C ALA F 1 -15.35 -17.23 26.70
N ARG F 2 -14.94 -16.18 26.00
CA ARG F 2 -14.03 -16.37 24.89
C ARG F 2 -12.65 -16.76 25.39
N THR F 3 -11.91 -17.45 24.54
CA THR F 3 -10.63 -18.04 24.91
C THR F 3 -9.62 -17.82 23.80
N LYS F 4 -8.40 -17.45 24.16
CA LYS F 4 -7.32 -17.43 23.19
C LYS F 4 -6.07 -18.11 23.74
N GLN F 5 -5.05 -18.21 22.90
CA GLN F 5 -3.77 -18.76 23.31
C GLN F 5 -2.70 -17.68 23.17
N THR F 6 -1.84 -17.57 24.17
CA THR F 6 -0.85 -16.49 24.27
C THR F 6 0.35 -16.68 23.35
N ALA F 7 1.04 -15.60 23.01
CA ALA F 7 2.28 -15.70 22.23
C ALA F 7 3.48 -15.80 23.17
N ARG F 8 4.21 -16.92 23.10
CA ARG F 8 5.35 -17.14 24.02
C ARG F 8 6.44 -16.10 23.77
N LYS F 9 7.16 -15.76 24.83
CA LYS F 9 8.05 -14.60 24.85
C LYS F 9 9.56 -14.91 24.92
N SER F 10 10.38 -13.99 24.41
CA SER F 10 11.86 -14.14 24.42
C SER F 10 12.33 -15.41 23.74
ZN ZN G . -34.51 -20.17 -20.36
ZN ZN H . -29.88 -22.89 -10.54
ZN ZN I . -17.56 -30.68 -9.20
N SAH J . 1.27 -6.43 -20.07
CA SAH J . 2.36 -5.55 -19.70
CB SAH J . 2.54 -4.47 -20.75
CG SAH J . 3.95 -4.30 -21.29
SD SAH J . 3.92 -3.14 -22.68
C SAH J . 1.98 -5.01 -18.32
O SAH J . 2.62 -4.11 -17.71
OXT SAH J . 0.98 -5.54 -17.80
C5' SAH J . 5.51 -3.66 -23.41
C4' SAH J . 6.69 -4.08 -22.52
O4' SAH J . 7.69 -4.71 -23.30
C3' SAH J . 7.42 -2.95 -21.79
O3' SAH J . 7.36 -3.23 -20.42
C2' SAH J . 8.87 -3.02 -22.26
O2' SAH J . 9.79 -2.81 -21.22
C1' SAH J . 8.97 -4.47 -22.72
N9 SAH J . 10.13 -4.74 -23.63
C8 SAH J . 10.77 -3.85 -24.46
N7 SAH J . 11.78 -4.48 -25.10
C5 SAH J . 11.79 -5.77 -24.70
C6 SAH J . 12.61 -6.85 -25.05
N6 SAH J . 13.60 -6.71 -25.94
N1 SAH J . 12.38 -8.07 -24.46
C2 SAH J . 11.36 -8.22 -23.54
N3 SAH J . 10.55 -7.16 -23.20
C4 SAH J . 10.77 -5.94 -23.77
ZN ZN K . 6.50 -14.27 41.87
ZN ZN L . -2.30 -16.48 35.36
ZN ZN M . -13.43 -7.35 33.01
N SAH N . 5.01 13.65 15.35
CA SAH N . 4.76 14.00 13.97
CB SAH N . 5.81 14.94 13.38
CG SAH N . 6.53 15.89 14.33
SD SAH N . 7.59 16.97 13.35
C SAH N . 4.61 12.72 13.17
O SAH N . 4.35 11.67 13.80
OXT SAH N . 4.73 12.69 11.92
C5' SAH N . 6.67 18.52 13.67
C4' SAH N . 5.61 19.00 12.66
O4' SAH N . 5.18 20.30 12.99
C3' SAH N . 6.03 19.12 11.20
O3' SAH N . 5.24 18.19 10.48
C2' SAH N . 5.65 20.52 10.75
O2' SAH N . 4.97 20.57 9.52
C1' SAH N . 4.69 20.96 11.83
N9 SAH N . 4.59 22.44 11.97
C8 SAH N . 5.51 23.40 11.63
N7 SAH N . 5.01 24.62 11.93
C5 SAH N . 3.77 24.45 12.46
C6 SAH N . 2.83 25.36 12.93
N6 SAH N . 3.08 26.66 12.92
N1 SAH N . 1.63 24.87 13.41
C2 SAH N . 1.38 23.51 13.44
N3 SAH N . 2.32 22.63 12.97
C4 SAH N . 3.49 23.10 12.48
#